data_6CX0
#
_entry.id   6CX0
#
_cell.length_a   88.470
_cell.length_b   154.420
_cell.length_c   218.450
_cell.angle_alpha   90.00
_cell.angle_beta   90.00
_cell.angle_gamma   90.00
#
_symmetry.space_group_name_H-M   'C 2 2 21'
#
loop_
_entity.id
_entity.type
_entity.pdbx_description
1 polymer 'Two pore calcium channel protein 1'
2 non-polymer 'CALCIUM ION'
3 non-polymer '(1S,3R)-1-(3-{[4-(2-fluorophenyl)piperazin-1-yl]methyl}-4-methoxyphenyl)-2,3,4,9-tetrahydro-1H-beta-carboline-3-carboxylic acid'
#
_entity_poly.entity_id   1
_entity_poly.type   'polypeptide(L)'
_entity_poly.pdbx_seq_one_letter_code
;MGGGGTDRVRRSEAITHGTPFQKAAALVDLAEDGIGLPVEILDQSSFGESARYYFIFTRLDLIWSLNYFALLFLNFFEQP
LWCEKNPKPSCKDRDYYYLGELPYLTNAESIIYEVITLAILLVHTFFPISYEGSRIFWTSRLNLVKVACVVILFVDVLVD
FLYLSPLAFDFLPFRIAPYVRVIIFILSIRELRDTLVLLSGMLGTYLNILALWMLFLLFASWIAFVMFEDTQQGLTVFTS
YGATLYQMFILFTTSNNPDVWIPAYKSSRWSSVFFVLYVLIGVYFVTNLILAVVYDSFKEQLAKQVSGMDQMKRRMLEKA
FGLIDSDKNGEIDKNQCIKLFEQLTNYRTLPKISKEEFGLIFDELDDTRDFKINKDEFADLCQAIALRFQKEEVPSLFEH
FPQIYHSALSQQLRAFVRSPNFGYAISFILIINFIAVVVETTLDIEESSAQKPWQVAEFVFGWIYVLEMALKIYTYGFEN
YWREGANRFDFLVTWVIVIGETATFITPDENTFFSNGEWIRYLLLARMLRLIRLLMNVQRYRAFIATFITLIPSLMPYLG
TIFCVLCIYCSIGVQVFGGLVNAGNKKLFETELAEDDYLLFNFNDYPNGMVTLFNLLVMGNWQVWMESYKDLTGTWWSIT
YFVSFYVITILLLLNLVVAFVLEAFFTELDLEEEEKCQGQDSQEKRNRRRSAGSKSRSQRVDTLLHHMLGDELSKPECST
SDTLVPR
;
_entity_poly.pdbx_strand_id   A
#
loop_
_chem_comp.id
_chem_comp.type
_chem_comp.name
_chem_comp.formula
CA non-polymer 'CALCIUM ION' 'Ca 2'
FJ7 non-polymer '(1S,3R)-1-(3-{[4-(2-fluorophenyl)piperazin-1-yl]methyl}-4-methoxyphenyl)-2,3,4,9-tetrahydro-1H-beta-carboline-3-carboxylic acid' 'C30 H31 F N4 O3'
#
# COMPACT_ATOMS: atom_id res chain seq x y z
N GLN A 22 12.55 -21.90 -29.02
CA GLN A 22 12.99 -23.29 -28.89
C GLN A 22 11.94 -24.11 -28.14
N LYS A 23 11.63 -25.28 -28.67
CA LYS A 23 10.64 -26.15 -28.02
C LYS A 23 11.08 -26.49 -26.60
N ALA A 24 12.39 -26.66 -26.39
CA ALA A 24 12.89 -26.91 -25.04
C ALA A 24 12.91 -25.65 -24.20
N ALA A 25 13.02 -24.47 -24.83
CA ALA A 25 13.10 -23.22 -24.09
C ALA A 25 11.74 -22.68 -23.67
N ALA A 26 10.66 -23.16 -24.28
CA ALA A 26 9.32 -22.81 -23.81
C ALA A 26 9.08 -23.27 -22.38
N LEU A 27 9.95 -24.12 -21.84
CA LEU A 27 9.78 -24.74 -20.52
C LEU A 27 10.78 -24.25 -19.49
N VAL A 28 12.02 -24.02 -19.89
CA VAL A 28 13.00 -23.41 -19.00
C VAL A 28 12.55 -22.01 -18.60
N ASP A 29 12.16 -21.20 -19.60
CA ASP A 29 11.62 -19.88 -19.32
C ASP A 29 10.38 -19.98 -18.44
N LEU A 30 9.56 -21.00 -18.68
CA LEU A 30 8.40 -21.23 -17.83
C LEU A 30 8.80 -21.73 -16.45
N ALA A 31 9.94 -22.41 -16.34
CA ALA A 31 10.43 -22.84 -15.02
C ALA A 31 10.95 -21.65 -14.21
N GLU A 32 11.55 -20.66 -14.87
CA GLU A 32 11.91 -19.43 -14.16
C GLU A 32 10.68 -18.60 -13.85
N ASP A 33 9.62 -18.72 -14.65
CA ASP A 33 8.35 -18.11 -14.28
C ASP A 33 7.74 -18.78 -13.06
N GLY A 34 8.03 -20.06 -12.85
CA GLY A 34 7.61 -20.70 -11.62
C GLY A 34 8.37 -20.17 -10.42
N ILE A 35 9.68 -19.94 -10.58
CA ILE A 35 10.49 -19.44 -9.48
C ILE A 35 10.22 -17.96 -9.24
N GLY A 36 10.15 -17.17 -10.32
CA GLY A 36 9.85 -15.76 -10.20
C GLY A 36 8.41 -15.46 -9.85
N LEU A 37 7.49 -16.41 -10.11
CA LEU A 37 6.08 -16.40 -9.73
C LEU A 37 5.17 -15.40 -10.45
N PRO A 38 5.33 -15.11 -11.75
CA PRO A 38 4.26 -14.41 -12.46
C PRO A 38 3.02 -15.29 -12.59
N VAL A 39 1.89 -14.64 -12.83
CA VAL A 39 0.58 -15.30 -12.81
C VAL A 39 -0.18 -14.95 -14.08
N GLU A 40 -0.57 -15.97 -14.82
CA GLU A 40 -1.39 -15.88 -16.03
C GLU A 40 -2.11 -17.21 -16.18
N ILE A 41 -3.33 -17.19 -16.73
CA ILE A 41 -4.07 -18.43 -16.81
C ILE A 41 -4.57 -18.67 -18.24
N LEU A 42 -3.65 -18.98 -19.15
CA LEU A 42 -3.99 -19.50 -20.47
C LEU A 42 -3.28 -20.84 -20.63
N ASP A 43 -4.07 -21.90 -20.84
CA ASP A 43 -3.54 -23.25 -20.84
C ASP A 43 -2.73 -23.51 -22.11
N GLN A 44 -3.39 -23.54 -23.25
CA GLN A 44 -2.65 -23.66 -24.48
C GLN A 44 -2.06 -22.30 -24.85
N SER A 45 -0.96 -22.33 -25.60
CA SER A 45 -0.38 -21.12 -26.16
C SER A 45 -0.13 -21.25 -27.66
N SER A 46 -0.59 -22.35 -28.27
CA SER A 46 -0.60 -22.50 -29.71
C SER A 46 -2.04 -22.47 -30.23
N GLU A 49 11.72 -12.17 -24.23
CA GLU A 49 11.76 -13.62 -24.41
C GLU A 49 10.67 -14.07 -25.39
N SER A 50 10.82 -15.28 -25.91
CA SER A 50 9.90 -15.84 -26.89
C SER A 50 9.42 -17.19 -26.37
N ALA A 51 8.11 -17.34 -26.24
CA ALA A 51 7.52 -18.60 -25.85
C ALA A 51 6.50 -18.94 -26.91
N ARG A 52 5.22 -18.61 -26.73
CA ARG A 52 4.26 -19.04 -27.72
C ARG A 52 3.14 -18.02 -27.83
N TYR A 53 2.10 -18.37 -28.58
CA TYR A 53 1.28 -17.32 -29.19
C TYR A 53 0.53 -16.51 -28.14
N TYR A 54 -0.22 -17.18 -27.27
CA TYR A 54 -0.96 -16.44 -26.25
C TYR A 54 -0.04 -15.57 -25.41
N PHE A 55 1.20 -16.03 -25.21
CA PHE A 55 2.16 -15.25 -24.45
C PHE A 55 2.52 -13.95 -25.17
N ILE A 56 2.68 -14.00 -26.50
CA ILE A 56 3.00 -12.79 -27.23
C ILE A 56 1.82 -11.82 -27.23
N PHE A 57 0.60 -12.35 -27.11
CA PHE A 57 -0.56 -11.46 -26.95
C PHE A 57 -0.47 -10.68 -25.65
N THR A 58 0.03 -11.32 -24.58
CA THR A 58 0.16 -10.69 -23.27
C THR A 58 1.52 -10.04 -23.05
N ARG A 59 2.56 -10.54 -23.71
CA ARG A 59 3.92 -10.05 -23.45
C ARG A 59 4.02 -8.53 -23.53
N LEU A 60 3.42 -7.95 -24.57
CA LEU A 60 3.54 -6.50 -24.74
C LEU A 60 2.80 -5.71 -23.66
N ASP A 61 1.84 -6.33 -22.95
CA ASP A 61 1.15 -5.67 -21.85
C ASP A 61 2.10 -5.05 -20.84
N LEU A 62 3.36 -5.50 -20.79
CA LEU A 62 4.27 -5.01 -19.77
C LEU A 62 4.53 -3.52 -19.93
N ILE A 63 4.88 -3.08 -21.14
CA ILE A 63 4.96 -1.64 -21.40
C ILE A 63 3.60 -0.99 -21.20
N TRP A 64 2.53 -1.64 -21.66
CA TRP A 64 1.19 -1.12 -21.42
C TRP A 64 0.90 -1.03 -19.93
N SER A 65 1.31 -2.02 -19.15
CA SER A 65 1.09 -1.99 -17.71
C SER A 65 1.87 -0.86 -17.05
N LEU A 66 3.12 -0.64 -17.51
CA LEU A 66 3.92 0.44 -16.96
C LEU A 66 3.28 1.80 -17.23
N ASN A 67 2.73 2.00 -18.42
CA ASN A 67 2.08 3.26 -18.75
C ASN A 67 0.74 3.39 -18.03
N TYR A 68 -0.01 2.28 -17.93
CA TYR A 68 -1.24 2.31 -17.13
C TYR A 68 -0.95 2.73 -15.70
N PHE A 69 0.12 2.21 -15.10
CA PHE A 69 0.54 2.56 -13.74
C PHE A 69 0.38 4.06 -13.45
N ALA A 70 0.83 4.92 -14.36
CA ALA A 70 0.62 6.36 -14.17
C ALA A 70 -0.85 6.72 -14.30
N LEU A 71 -1.55 6.10 -15.24
CA LEU A 71 -2.97 6.39 -15.46
C LEU A 71 -3.80 6.05 -14.23
N LEU A 72 -3.57 4.86 -13.63
CA LEU A 72 -4.32 4.48 -12.44
C LEU A 72 -4.11 5.46 -11.30
N PHE A 73 -2.86 5.87 -11.07
CA PHE A 73 -2.57 6.85 -10.04
C PHE A 73 -3.34 8.14 -10.26
N LEU A 74 -3.25 8.69 -11.47
CA LEU A 74 -3.93 9.96 -11.76
C LEU A 74 -5.44 9.79 -11.73
N ASN A 75 -5.95 8.66 -12.22
CA ASN A 75 -7.38 8.39 -12.16
C ASN A 75 -7.89 8.45 -10.74
N PHE A 76 -7.16 7.83 -9.82
CA PHE A 76 -7.59 7.85 -8.42
C PHE A 76 -7.49 9.24 -7.82
N PHE A 77 -6.54 10.06 -8.28
CA PHE A 77 -6.33 11.39 -7.72
C PHE A 77 -7.29 12.43 -8.29
N GLU A 78 -8.08 12.07 -9.31
CA GLU A 78 -9.01 13.00 -9.94
C GLU A 78 -10.11 13.38 -8.96
N GLN A 79 -10.08 12.77 -7.78
CA GLN A 79 -11.10 13.00 -6.75
C GLN A 79 -10.61 14.00 -5.71
N PRO A 80 -9.36 13.94 -5.22
CA PRO A 80 -8.86 15.07 -4.42
C PRO A 80 -8.82 16.38 -5.18
N LEU A 81 -8.30 16.37 -6.41
CA LEU A 81 -8.29 17.58 -7.23
C LEU A 81 -9.68 17.92 -7.78
N TRP A 82 -10.66 17.06 -7.55
CA TRP A 82 -12.02 17.32 -8.02
C TRP A 82 -12.58 18.57 -7.35
N CYS A 83 -13.38 19.32 -8.11
CA CYS A 83 -14.09 20.44 -7.52
C CYS A 83 -15.25 19.93 -6.68
N GLU A 84 -15.40 20.50 -5.49
CA GLU A 84 -16.41 20.04 -4.55
C GLU A 84 -17.81 20.25 -5.11
N LYS A 85 -18.79 19.64 -4.44
CA LYS A 85 -20.17 19.64 -4.92
C LYS A 85 -21.06 20.66 -4.23
N ASN A 86 -20.79 20.98 -2.96
CA ASN A 86 -21.58 21.98 -2.26
C ASN A 86 -21.28 23.44 -2.66
N PRO A 87 -20.10 23.76 -3.20
CA PRO A 87 -19.90 25.16 -3.66
C PRO A 87 -20.66 25.51 -4.93
N LYS A 88 -21.12 24.52 -5.70
CA LYS A 88 -21.83 24.84 -6.94
C LYS A 88 -23.10 25.65 -6.72
N PRO A 89 -23.93 25.41 -5.69
CA PRO A 89 -25.00 26.35 -5.38
C PRO A 89 -24.53 27.55 -4.58
N SER A 90 -25.43 28.10 -3.77
CA SER A 90 -25.12 29.22 -2.89
C SER A 90 -24.12 28.77 -1.81
N CYS A 91 -23.39 29.73 -1.22
CA CYS A 91 -23.54 31.17 -1.46
C CYS A 91 -22.28 31.80 -2.04
N LYS A 92 -21.37 32.21 -1.17
CA LYS A 92 -20.12 32.83 -1.61
C LYS A 92 -19.24 31.79 -2.28
N ASP A 93 -18.81 32.09 -3.51
CA ASP A 93 -18.09 31.14 -4.34
C ASP A 93 -16.59 31.25 -4.09
N ARG A 94 -15.97 30.12 -3.72
CA ARG A 94 -14.52 30.01 -3.54
C ARG A 94 -13.99 31.06 -2.56
N ASP A 95 -14.37 30.87 -1.29
CA ASP A 95 -13.94 31.72 -0.22
C ASP A 95 -13.28 30.88 0.86
N TYR A 96 -12.50 31.55 1.72
CA TYR A 96 -12.00 30.91 2.93
C TYR A 96 -13.14 30.49 3.84
N TYR A 97 -14.31 31.13 3.70
CA TYR A 97 -15.54 30.64 4.32
C TYR A 97 -15.80 29.21 3.89
N TYR A 98 -16.32 28.40 4.83
CA TYR A 98 -16.37 26.94 4.72
C TYR A 98 -15.06 26.45 4.10
N LEU A 99 -14.07 26.23 4.96
CA LEU A 99 -12.67 26.34 4.59
C LEU A 99 -12.22 25.25 3.64
N GLY A 100 -11.28 25.61 2.76
CA GLY A 100 -10.62 24.67 1.88
C GLY A 100 -9.31 25.26 1.39
N GLU A 101 -8.51 24.42 0.71
CA GLU A 101 -7.12 24.78 0.47
C GLU A 101 -6.46 24.23 -0.80
N LEU A 102 -7.13 23.42 -1.62
CA LEU A 102 -6.44 22.80 -2.76
C LEU A 102 -6.63 23.60 -4.05
N PRO A 103 -6.10 23.16 -5.19
CA PRO A 103 -6.43 23.85 -6.46
C PRO A 103 -7.86 23.64 -6.94
N TYR A 104 -8.53 22.58 -6.51
CA TYR A 104 -9.91 22.25 -6.93
C TYR A 104 -9.92 22.04 -8.44
N LEU A 105 -10.98 22.47 -9.13
CA LEU A 105 -11.16 22.10 -10.52
C LEU A 105 -12.16 23.04 -11.16
N THR A 106 -11.96 23.30 -12.43
CA THR A 106 -12.98 23.85 -13.31
C THR A 106 -13.39 22.75 -14.28
N ASN A 107 -14.70 22.53 -14.42
CA ASN A 107 -15.18 21.40 -15.21
C ASN A 107 -14.71 21.47 -16.65
N ALA A 108 -14.55 22.69 -17.18
CA ALA A 108 -13.97 22.85 -18.52
C ALA A 108 -12.58 22.23 -18.60
N GLU A 109 -11.82 22.34 -17.51
CA GLU A 109 -10.52 21.69 -17.39
C GLU A 109 -10.59 20.32 -16.73
N SER A 110 -11.78 19.90 -16.28
CA SER A 110 -11.96 18.59 -15.66
C SER A 110 -12.22 17.49 -16.68
N ILE A 111 -13.16 17.73 -17.59
CA ILE A 111 -13.67 16.68 -18.48
C ILE A 111 -12.58 16.13 -19.37
N ILE A 112 -11.61 16.97 -19.77
CA ILE A 112 -10.49 16.50 -20.57
C ILE A 112 -9.83 15.30 -19.90
N TYR A 113 -9.55 15.42 -18.60
CA TYR A 113 -8.92 14.31 -17.89
C TYR A 113 -9.88 13.15 -17.72
N GLU A 114 -11.15 13.43 -17.46
CA GLU A 114 -12.16 12.38 -17.53
C GLU A 114 -12.10 11.64 -18.86
N VAL A 115 -12.17 12.39 -19.97
CA VAL A 115 -12.13 11.79 -21.30
C VAL A 115 -10.80 11.06 -21.53
N ILE A 116 -9.68 11.68 -21.14
CA ILE A 116 -8.38 11.07 -21.37
C ILE A 116 -8.21 9.82 -20.51
N THR A 117 -8.37 9.96 -19.19
CA THR A 117 -8.21 8.81 -18.31
C THR A 117 -9.17 7.68 -18.69
N LEU A 118 -10.40 8.03 -19.07
CA LEU A 118 -11.37 7.02 -19.48
C LEU A 118 -10.91 6.29 -20.73
N ALA A 119 -10.53 7.05 -21.77
CA ALA A 119 -10.17 6.44 -23.04
C ALA A 119 -8.94 5.55 -22.91
N ILE A 120 -7.91 6.04 -22.22
CA ILE A 120 -6.73 5.22 -21.97
C ILE A 120 -7.11 4.01 -21.11
N LEU A 121 -8.06 4.17 -20.20
CA LEU A 121 -8.51 3.05 -19.38
C LEU A 121 -9.19 2.00 -20.22
N LEU A 122 -10.13 2.40 -21.08
CA LEU A 122 -10.92 1.44 -21.84
C LEU A 122 -10.04 0.56 -22.73
N VAL A 123 -8.95 1.12 -23.26
CA VAL A 123 -8.00 0.31 -24.01
C VAL A 123 -7.42 -0.79 -23.12
N HIS A 124 -7.23 -0.49 -21.83
CA HIS A 124 -6.64 -1.45 -20.91
C HIS A 124 -7.63 -2.50 -20.41
N THR A 125 -8.90 -2.12 -20.22
CA THR A 125 -9.87 -3.07 -19.67
C THR A 125 -10.34 -4.08 -20.70
N PHE A 126 -10.35 -3.72 -21.98
CA PHE A 126 -10.69 -4.66 -23.05
C PHE A 126 -9.47 -5.32 -23.68
N PHE A 127 -8.27 -4.91 -23.29
CA PHE A 127 -7.06 -5.59 -23.74
C PHE A 127 -7.00 -7.06 -23.34
N PRO A 128 -7.59 -7.51 -22.22
CA PRO A 128 -7.62 -8.96 -21.95
C PRO A 128 -8.16 -9.82 -23.08
N ILE A 129 -9.11 -9.34 -23.88
CA ILE A 129 -9.63 -10.15 -24.98
C ILE A 129 -8.54 -10.50 -25.98
N SER A 130 -7.43 -9.77 -26.01
CA SER A 130 -6.30 -10.14 -26.85
C SER A 130 -5.82 -11.56 -26.52
N TYR A 131 -5.55 -11.82 -25.25
CA TYR A 131 -5.05 -13.13 -24.84
C TYR A 131 -6.13 -14.05 -24.31
N GLU A 132 -7.33 -13.54 -24.06
CA GLU A 132 -8.44 -14.35 -23.62
C GLU A 132 -9.39 -14.61 -24.78
N GLY A 133 -10.29 -15.56 -24.59
CA GLY A 133 -11.37 -15.74 -25.53
C GLY A 133 -12.39 -14.63 -25.44
N SER A 134 -13.13 -14.44 -26.53
CA SER A 134 -14.18 -13.42 -26.55
C SER A 134 -15.22 -13.70 -25.47
N ARG A 135 -15.80 -14.90 -25.49
CA ARG A 135 -16.73 -15.29 -24.43
C ARG A 135 -16.03 -15.44 -23.09
N ILE A 136 -14.75 -15.84 -23.11
CA ILE A 136 -14.01 -16.06 -21.87
C ILE A 136 -13.83 -14.75 -21.11
N PHE A 137 -13.54 -13.66 -21.83
CA PHE A 137 -13.45 -12.35 -21.20
C PHE A 137 -14.80 -11.93 -20.63
N TRP A 138 -15.86 -12.06 -21.44
CA TRP A 138 -17.17 -11.60 -21.00
C TRP A 138 -17.72 -12.40 -19.84
N THR A 139 -17.38 -13.70 -19.77
CA THR A 139 -17.91 -14.53 -18.69
C THR A 139 -17.10 -14.42 -17.41
N SER A 140 -15.85 -13.96 -17.47
CA SER A 140 -15.04 -13.84 -16.27
C SER A 140 -15.59 -12.75 -15.38
N ARG A 141 -15.82 -13.09 -14.10
CA ARG A 141 -16.42 -12.13 -13.17
C ARG A 141 -15.55 -10.90 -13.00
N LEU A 142 -14.22 -11.06 -13.11
CA LEU A 142 -13.32 -9.91 -12.98
C LEU A 142 -13.55 -8.91 -14.11
N ASN A 143 -13.56 -9.39 -15.35
CA ASN A 143 -13.60 -8.47 -16.49
C ASN A 143 -14.98 -7.89 -16.69
N LEU A 144 -16.03 -8.57 -16.24
CA LEU A 144 -17.37 -8.03 -16.43
C LEU A 144 -17.62 -6.87 -15.48
N VAL A 145 -17.18 -6.99 -14.23
CA VAL A 145 -17.30 -5.86 -13.30
C VAL A 145 -16.34 -4.76 -13.69
N LYS A 146 -15.16 -5.12 -14.19
CA LYS A 146 -14.21 -4.14 -14.71
C LYS A 146 -14.85 -3.27 -15.78
N VAL A 147 -15.49 -3.91 -16.76
CA VAL A 147 -16.21 -3.18 -17.79
C VAL A 147 -17.49 -2.55 -17.22
N ALA A 148 -18.04 -3.11 -16.14
CA ALA A 148 -19.26 -2.55 -15.57
C ALA A 148 -19.00 -1.18 -14.94
N CYS A 149 -17.93 -1.07 -14.14
CA CYS A 149 -17.51 0.25 -13.67
C CYS A 149 -16.94 1.10 -14.80
N VAL A 150 -16.53 0.46 -15.90
CA VAL A 150 -16.12 1.18 -17.09
C VAL A 150 -17.32 1.79 -17.80
N VAL A 151 -18.50 1.20 -17.63
CA VAL A 151 -19.68 1.76 -18.27
C VAL A 151 -20.41 2.75 -17.37
N ILE A 152 -20.21 2.68 -16.06
CA ILE A 152 -20.78 3.69 -15.16
C ILE A 152 -19.95 4.96 -15.16
N LEU A 153 -18.67 4.90 -15.55
CA LEU A 153 -17.88 6.12 -15.60
C LEU A 153 -18.05 6.85 -16.93
N PHE A 154 -18.44 6.13 -17.98
CA PHE A 154 -18.68 6.77 -19.27
C PHE A 154 -19.97 7.58 -19.25
N VAL A 155 -21.02 7.07 -18.60
CA VAL A 155 -22.29 7.79 -18.54
C VAL A 155 -22.13 9.10 -17.78
N ASP A 156 -21.42 9.07 -16.64
CA ASP A 156 -21.15 10.29 -15.90
C ASP A 156 -20.44 11.31 -16.77
N VAL A 157 -19.44 10.86 -17.55
CA VAL A 157 -18.66 11.78 -18.38
C VAL A 157 -19.55 12.46 -19.41
N LEU A 158 -20.42 11.69 -20.06
CA LEU A 158 -21.34 12.26 -21.03
C LEU A 158 -22.30 13.25 -20.37
N VAL A 159 -22.83 12.88 -19.20
CA VAL A 159 -23.77 13.76 -18.51
C VAL A 159 -23.05 14.96 -17.92
N ASP A 160 -21.82 14.77 -17.43
CA ASP A 160 -21.04 15.89 -16.94
C ASP A 160 -20.71 16.88 -18.06
N PHE A 161 -20.76 16.45 -19.31
CA PHE A 161 -20.38 17.31 -20.42
C PHE A 161 -21.48 18.30 -20.77
N LEU A 162 -22.72 17.82 -20.83
CA LEU A 162 -23.84 18.66 -21.25
C LEU A 162 -24.19 19.70 -20.20
N PHE A 174 -22.99 12.68 -11.11
CA PHE A 174 -21.97 13.39 -10.33
C PHE A 174 -22.01 12.97 -8.86
N ARG A 175 -22.89 12.03 -8.54
CA ARG A 175 -23.08 11.58 -7.16
C ARG A 175 -22.21 10.37 -6.83
N ILE A 176 -22.22 9.35 -7.69
CA ILE A 176 -21.49 8.12 -7.44
C ILE A 176 -20.30 7.99 -8.40
N ALA A 177 -19.87 9.11 -8.99
CA ALA A 177 -18.74 9.16 -9.92
C ALA A 177 -17.39 8.94 -9.25
N PRO A 178 -17.09 9.57 -8.10
CA PRO A 178 -15.80 9.27 -7.44
C PRO A 178 -15.76 7.89 -6.82
N TYR A 179 -16.93 7.30 -6.53
CA TYR A 179 -16.97 5.99 -5.91
C TYR A 179 -16.43 4.92 -6.84
N VAL A 180 -16.70 5.04 -8.15
CA VAL A 180 -16.16 4.09 -9.10
C VAL A 180 -14.70 4.35 -9.42
N ARG A 181 -14.18 5.53 -9.08
CA ARG A 181 -12.74 5.78 -9.22
C ARG A 181 -11.96 4.86 -8.29
N VAL A 182 -12.22 4.95 -6.99
CA VAL A 182 -11.54 4.11 -6.02
C VAL A 182 -11.90 2.64 -6.22
N ILE A 183 -13.16 2.37 -6.61
CA ILE A 183 -13.57 0.98 -6.81
C ILE A 183 -12.87 0.39 -8.03
N ILE A 184 -12.78 1.13 -9.13
CA ILE A 184 -12.03 0.65 -10.28
C ILE A 184 -10.54 0.65 -10.02
N PHE A 185 -10.09 1.32 -8.94
CA PHE A 185 -8.69 1.34 -8.57
C PHE A 185 -8.30 0.20 -7.65
N ILE A 186 -9.17 -0.15 -6.69
CA ILE A 186 -8.83 -1.21 -5.74
C ILE A 186 -8.68 -2.55 -6.43
N LEU A 187 -9.42 -2.77 -7.52
CA LEU A 187 -9.31 -4.01 -8.29
C LEU A 187 -8.46 -3.85 -9.54
N SER A 188 -7.97 -2.64 -9.83
CA SER A 188 -7.02 -2.47 -10.93
C SER A 188 -5.66 -3.07 -10.60
N ILE A 189 -5.34 -3.24 -9.32
CA ILE A 189 -4.07 -3.81 -8.89
C ILE A 189 -4.36 -5.13 -8.20
N ARG A 190 -3.61 -6.17 -8.56
CA ARG A 190 -3.87 -7.50 -8.01
C ARG A 190 -3.56 -7.54 -6.51
N GLU A 191 -2.54 -6.82 -6.07
CA GLU A 191 -2.14 -6.88 -4.67
C GLU A 191 -3.24 -6.36 -3.76
N LEU A 192 -3.90 -5.26 -4.16
CA LEU A 192 -5.07 -4.80 -3.41
C LEU A 192 -6.24 -5.75 -3.57
N ARG A 193 -6.33 -6.43 -4.72
CA ARG A 193 -7.46 -7.32 -4.97
C ARG A 193 -7.39 -8.56 -4.09
N ASP A 194 -6.25 -9.26 -4.10
CA ASP A 194 -6.09 -10.44 -3.25
C ASP A 194 -6.19 -10.06 -1.77
N THR A 195 -5.80 -8.83 -1.42
CA THR A 195 -5.94 -8.38 -0.04
C THR A 195 -7.40 -8.20 0.34
N LEU A 196 -8.21 -7.63 -0.56
CA LEU A 196 -9.64 -7.50 -0.31
C LEU A 196 -10.29 -8.88 -0.20
N VAL A 197 -9.83 -9.83 -1.00
CA VAL A 197 -10.35 -11.20 -0.90
C VAL A 197 -9.98 -11.82 0.45
N LEU A 198 -8.77 -11.54 0.94
CA LEU A 198 -8.37 -12.05 2.24
C LEU A 198 -9.29 -11.53 3.33
N LEU A 199 -9.75 -10.29 3.20
CA LEU A 199 -10.68 -9.73 4.17
C LEU A 199 -12.02 -10.44 4.15
N SER A 200 -12.42 -10.95 2.97
CA SER A 200 -13.77 -11.52 2.83
C SER A 200 -13.93 -12.79 3.67
N GLY A 201 -12.93 -13.67 3.64
CA GLY A 201 -13.05 -14.92 4.37
C GLY A 201 -13.10 -14.74 5.88
N MET A 202 -12.46 -13.70 6.40
CA MET A 202 -12.48 -13.39 7.82
C MET A 202 -13.56 -12.38 8.19
N LEU A 203 -14.27 -11.81 7.21
CA LEU A 203 -15.28 -10.81 7.51
C LEU A 203 -16.50 -11.43 8.19
N GLY A 204 -16.81 -12.68 7.88
CA GLY A 204 -17.99 -13.31 8.46
C GLY A 204 -17.89 -13.46 9.97
N THR A 205 -16.78 -14.04 10.43
CA THR A 205 -16.57 -14.16 11.87
C THR A 205 -16.39 -12.81 12.54
N TYR A 206 -16.08 -11.76 11.78
CA TYR A 206 -15.93 -10.44 12.37
C TYR A 206 -17.27 -9.83 12.74
N LEU A 207 -18.34 -10.15 11.99
CA LEU A 207 -19.66 -9.66 12.36
C LEU A 207 -20.18 -10.31 13.63
N ASN A 208 -19.82 -11.58 13.86
CA ASN A 208 -20.31 -12.28 15.04
C ASN A 208 -19.66 -11.77 16.32
N ILE A 209 -18.39 -11.41 16.26
CA ILE A 209 -17.74 -10.83 17.43
C ILE A 209 -18.20 -9.39 17.64
N LEU A 210 -18.51 -8.68 16.55
CA LEU A 210 -19.13 -7.36 16.69
C LEU A 210 -20.48 -7.44 17.38
N ALA A 211 -21.22 -8.53 17.17
CA ALA A 211 -22.49 -8.70 17.87
C ALA A 211 -22.26 -8.90 19.36
N LEU A 212 -21.25 -9.69 19.73
CA LEU A 212 -20.90 -9.84 21.14
C LEU A 212 -20.32 -8.54 21.69
N TRP A 213 -19.52 -7.84 20.89
CA TRP A 213 -19.07 -6.51 21.28
C TRP A 213 -20.25 -5.56 21.45
N MET A 214 -21.27 -5.69 20.60
CA MET A 214 -22.45 -4.85 20.73
C MET A 214 -23.23 -5.20 21.99
N LEU A 215 -23.37 -6.49 22.29
CA LEU A 215 -24.07 -6.89 23.50
C LEU A 215 -23.33 -6.42 24.76
N PHE A 216 -21.99 -6.42 24.72
CA PHE A 216 -21.24 -5.87 25.83
C PHE A 216 -21.51 -4.38 25.99
N LEU A 217 -21.39 -3.62 24.89
CA LEU A 217 -21.74 -2.20 24.94
C LEU A 217 -23.19 -2.01 25.36
N LEU A 218 -24.10 -2.83 24.84
CA LEU A 218 -25.51 -2.72 25.21
C LEU A 218 -25.70 -2.99 26.71
N PHE A 219 -25.22 -4.14 27.18
CA PHE A 219 -25.43 -4.50 28.57
C PHE A 219 -24.70 -3.56 29.51
N ALA A 220 -23.48 -3.15 29.15
CA ALA A 220 -22.74 -2.24 30.01
C ALA A 220 -23.38 -0.86 30.04
N SER A 221 -23.94 -0.41 28.91
CA SER A 221 -24.67 0.86 28.91
C SER A 221 -25.88 0.78 29.84
N TRP A 222 -26.53 -0.38 29.91
CA TRP A 222 -27.71 -0.52 30.75
C TRP A 222 -27.37 -0.37 32.22
N ILE A 223 -26.47 -1.23 32.72
CA ILE A 223 -26.12 -1.20 34.13
C ILE A 223 -25.51 0.14 34.51
N ALA A 224 -24.91 0.84 33.56
CA ALA A 224 -24.35 2.16 33.86
C ALA A 224 -25.44 3.21 34.02
N PHE A 225 -26.47 3.16 33.18
CA PHE A 225 -27.52 4.17 33.20
C PHE A 225 -28.36 4.06 34.47
N VAL A 226 -28.81 2.84 34.79
CA VAL A 226 -29.63 2.67 36.00
C VAL A 226 -28.86 3.09 37.24
N MET A 227 -27.54 2.89 37.25
CA MET A 227 -26.74 3.29 38.39
C MET A 227 -26.77 4.79 38.62
N PHE A 228 -26.91 5.57 37.55
CA PHE A 228 -26.77 7.02 37.60
C PHE A 228 -28.00 7.74 37.04
N GLU A 229 -29.18 7.23 37.39
CA GLU A 229 -30.44 7.93 37.14
C GLU A 229 -30.90 8.78 38.33
N ASP A 230 -30.66 8.33 39.56
CA ASP A 230 -30.98 9.09 40.77
C ASP A 230 -29.77 9.80 41.35
N THR A 231 -28.88 10.31 40.50
CA THR A 231 -27.68 10.97 40.97
C THR A 231 -27.40 12.18 40.10
N GLN A 232 -26.31 12.88 40.42
CA GLN A 232 -25.97 14.12 39.73
C GLN A 232 -25.64 13.89 38.26
N GLN A 233 -25.05 12.75 37.91
CA GLN A 233 -24.75 12.46 36.51
C GLN A 233 -26.01 12.18 35.67
N GLY A 234 -27.21 12.52 36.14
CA GLY A 234 -28.38 12.52 35.28
C GLY A 234 -28.37 13.56 34.18
N LEU A 235 -27.38 14.46 34.17
CA LEU A 235 -27.20 15.40 33.08
C LEU A 235 -26.40 14.80 31.92
N THR A 236 -25.42 13.96 32.22
CA THR A 236 -24.73 13.20 31.18
C THR A 236 -25.58 12.04 30.70
N VAL A 237 -26.44 11.51 31.56
CA VAL A 237 -27.38 10.47 31.19
C VAL A 237 -28.76 11.10 31.11
N PHE A 238 -28.83 12.29 30.51
CA PHE A 238 -30.10 13.01 30.38
C PHE A 238 -30.96 12.36 29.32
N THR A 239 -30.42 12.15 28.12
CA THR A 239 -31.09 11.33 27.11
C THR A 239 -31.05 9.85 27.46
N SER A 240 -30.51 9.50 28.62
CA SER A 240 -30.55 8.16 29.20
C SER A 240 -29.78 7.15 28.36
N TYR A 241 -30.40 5.99 28.10
CA TYR A 241 -29.74 4.91 27.41
C TYR A 241 -29.21 5.35 26.04
N GLY A 242 -29.98 6.20 25.34
CA GLY A 242 -29.52 6.69 24.05
C GLY A 242 -28.22 7.47 24.15
N ALA A 243 -28.08 8.28 25.21
CA ALA A 243 -26.84 9.02 25.39
C ALA A 243 -25.80 8.20 26.14
N THR A 244 -26.23 7.41 27.13
CA THR A 244 -25.28 6.66 27.94
C THR A 244 -24.61 5.54 27.14
N LEU A 245 -25.32 4.95 26.18
CA LEU A 245 -24.66 4.02 25.26
C LEU A 245 -23.67 4.74 24.38
N TYR A 246 -24.04 5.94 23.91
CA TYR A 246 -23.13 6.75 23.10
C TYR A 246 -21.87 7.11 23.87
N GLN A 247 -21.99 7.33 25.18
CA GLN A 247 -20.83 7.70 25.99
C GLN A 247 -20.01 6.49 26.38
N MET A 248 -20.66 5.41 26.83
CA MET A 248 -19.95 4.17 27.09
C MET A 248 -19.27 3.63 25.84
N PHE A 249 -19.76 4.01 24.66
CA PHE A 249 -19.13 3.58 23.41
C PHE A 249 -17.81 4.32 23.19
N ILE A 250 -17.77 5.62 23.51
CA ILE A 250 -16.53 6.37 23.35
C ILE A 250 -15.57 6.08 24.50
N LEU A 251 -16.09 5.83 25.70
CA LEU A 251 -15.23 5.38 26.79
C LEU A 251 -14.61 4.03 26.49
N PHE A 252 -15.31 3.18 25.72
CA PHE A 252 -14.71 1.95 25.23
C PHE A 252 -13.48 2.24 24.39
N THR A 253 -13.45 3.39 23.72
CA THR A 253 -12.27 3.86 23.00
C THR A 253 -11.33 4.67 23.87
N THR A 254 -11.69 4.91 25.13
CA THR A 254 -10.92 5.67 26.11
C THR A 254 -10.58 7.08 25.63
N SER A 255 -11.14 7.53 24.52
CA SER A 255 -10.84 8.85 24.01
C SER A 255 -11.39 9.95 24.91
N ASN A 256 -12.32 9.62 25.80
CA ASN A 256 -12.90 10.56 26.76
C ASN A 256 -12.90 9.97 28.16
N ASN A 257 -11.83 9.25 28.50
CA ASN A 257 -11.82 8.50 29.76
C ASN A 257 -11.96 9.40 30.99
N PRO A 258 -11.05 10.36 31.24
CA PRO A 258 -11.21 11.18 32.45
C PRO A 258 -12.34 12.19 32.34
N ASP A 259 -12.82 12.45 31.14
CA ASP A 259 -13.78 13.53 30.90
C ASP A 259 -15.24 13.07 30.87
N VAL A 260 -15.49 11.78 30.67
CA VAL A 260 -16.88 11.35 30.49
C VAL A 260 -17.56 11.07 31.83
N TRP A 261 -16.79 10.64 32.84
CA TRP A 261 -17.37 10.30 34.13
C TRP A 261 -16.86 11.22 35.24
N ILE A 262 -16.50 12.45 34.88
CA ILE A 262 -15.98 13.40 35.85
C ILE A 262 -17.09 14.00 36.72
N PRO A 263 -18.35 14.12 36.27
CA PRO A 263 -19.39 14.56 37.22
C PRO A 263 -19.75 13.50 38.23
N ALA A 264 -19.69 12.23 37.83
CA ALA A 264 -19.97 11.13 38.75
C ALA A 264 -18.86 10.99 39.78
N TYR A 265 -17.60 11.10 39.34
CA TYR A 265 -16.48 11.08 40.27
C TYR A 265 -16.49 12.29 41.21
N LYS A 266 -17.15 13.37 40.83
CA LYS A 266 -17.32 14.51 41.71
C LYS A 266 -18.45 14.28 42.72
N SER A 267 -19.45 13.47 42.37
CA SER A 267 -20.51 13.15 43.31
C SER A 267 -20.06 12.16 44.36
N SER A 268 -19.31 11.13 43.95
CA SER A 268 -18.79 10.14 44.87
C SER A 268 -17.49 9.59 44.31
N ARG A 269 -16.49 9.45 45.19
CA ARG A 269 -15.22 8.87 44.77
C ARG A 269 -15.38 7.42 44.35
N TRP A 270 -16.32 6.71 44.98
CA TRP A 270 -16.58 5.31 44.67
C TRP A 270 -17.29 5.12 43.33
N SER A 271 -17.56 6.21 42.60
CA SER A 271 -18.08 6.08 41.24
C SER A 271 -17.00 5.61 40.28
N SER A 272 -15.74 6.00 40.52
CA SER A 272 -14.64 5.59 39.65
C SER A 272 -14.46 4.07 39.65
N VAL A 273 -14.84 3.42 40.75
CA VAL A 273 -14.73 1.96 40.85
C VAL A 273 -15.46 1.28 39.71
N PHE A 274 -16.57 1.86 39.24
CA PHE A 274 -17.31 1.27 38.14
C PHE A 274 -16.55 1.40 36.83
N PHE A 275 -15.98 2.58 36.56
CA PHE A 275 -15.40 2.84 35.25
C PHE A 275 -14.04 2.17 35.11
N VAL A 276 -13.23 2.17 36.18
CA VAL A 276 -12.00 1.39 36.14
C VAL A 276 -12.32 -0.08 35.93
N LEU A 277 -13.43 -0.56 36.51
CA LEU A 277 -13.88 -1.92 36.25
C LEU A 277 -14.29 -2.07 34.79
N TYR A 278 -15.02 -1.10 34.25
CA TYR A 278 -15.50 -1.20 32.87
C TYR A 278 -14.37 -1.05 31.88
N VAL A 279 -13.55 -0.01 32.03
CA VAL A 279 -12.43 0.21 31.11
C VAL A 279 -11.47 -0.96 31.14
N LEU A 280 -11.27 -1.55 32.32
CA LEU A 280 -10.44 -2.74 32.48
C LEU A 280 -10.94 -3.85 31.57
N ILE A 281 -12.17 -4.32 31.81
CA ILE A 281 -12.74 -5.36 30.96
C ILE A 281 -12.87 -4.88 29.53
N GLY A 282 -13.25 -3.61 29.34
CA GLY A 282 -13.49 -3.11 28.00
C GLY A 282 -12.25 -3.07 27.14
N VAL A 283 -11.13 -2.66 27.71
CA VAL A 283 -9.88 -2.48 26.97
C VAL A 283 -8.98 -3.71 27.07
N TYR A 284 -8.81 -4.24 28.27
CA TYR A 284 -7.83 -5.31 28.48
C TYR A 284 -8.40 -6.70 28.22
N PHE A 285 -9.71 -6.88 28.40
CA PHE A 285 -10.37 -8.16 28.15
C PHE A 285 -11.10 -8.18 26.82
N VAL A 286 -12.03 -7.24 26.61
CA VAL A 286 -12.86 -7.20 25.42
C VAL A 286 -12.02 -6.84 24.20
N THR A 287 -11.52 -5.60 24.17
CA THR A 287 -10.82 -5.10 23.00
C THR A 287 -9.61 -5.93 22.60
N ASN A 288 -9.04 -6.67 23.55
CA ASN A 288 -7.85 -7.47 23.24
C ASN A 288 -8.20 -8.73 22.46
N LEU A 289 -9.09 -9.56 23.00
CA LEU A 289 -9.45 -10.79 22.31
C LEU A 289 -10.21 -10.53 21.01
N ILE A 290 -10.70 -9.31 20.79
CA ILE A 290 -11.22 -8.94 19.48
C ILE A 290 -10.12 -9.06 18.43
N LEU A 291 -8.93 -8.54 18.73
CA LEU A 291 -7.80 -8.67 17.83
C LEU A 291 -7.39 -10.13 17.67
N ALA A 292 -7.43 -10.90 18.76
CA ALA A 292 -7.05 -12.31 18.69
C ALA A 292 -7.92 -13.07 17.69
N VAL A 293 -9.15 -12.62 17.48
CA VAL A 293 -10.00 -13.19 16.44
C VAL A 293 -9.43 -12.87 15.07
N VAL A 294 -9.22 -11.58 14.79
CA VAL A 294 -8.70 -11.16 13.49
C VAL A 294 -7.38 -11.86 13.20
N TYR A 295 -6.49 -11.88 14.19
CA TYR A 295 -5.19 -12.54 14.04
C TYR A 295 -5.35 -13.97 13.51
N ASP A 296 -6.15 -14.78 14.21
CA ASP A 296 -6.35 -16.16 13.77
C ASP A 296 -7.07 -16.22 12.43
N SER A 297 -8.14 -15.42 12.27
CA SER A 297 -8.87 -15.42 11.01
C SER A 297 -8.00 -14.90 9.88
N PHE A 298 -7.13 -13.92 10.16
CA PHE A 298 -6.19 -13.45 9.16
C PHE A 298 -5.13 -14.52 8.87
N LYS A 299 -4.60 -15.15 9.91
CA LYS A 299 -3.60 -16.20 9.71
C LYS A 299 -4.17 -17.36 8.90
N GLU A 300 -5.45 -17.68 9.10
CA GLU A 300 -6.09 -18.73 8.31
C GLU A 300 -6.19 -18.32 6.84
N GLN A 301 -6.79 -17.15 6.58
CA GLN A 301 -7.01 -16.73 5.20
C GLN A 301 -5.71 -16.47 4.45
N LEU A 302 -4.64 -16.09 5.17
CA LEU A 302 -3.36 -15.94 4.51
C LEU A 302 -2.76 -17.29 4.13
N ALA A 303 -2.95 -18.30 4.98
CA ALA A 303 -2.55 -19.66 4.60
C ALA A 303 -3.38 -20.17 3.44
N LYS A 304 -4.61 -19.67 3.30
CA LYS A 304 -5.45 -20.04 2.16
C LYS A 304 -4.95 -19.38 0.88
N GLN A 305 -4.48 -18.14 0.98
CA GLN A 305 -4.05 -17.40 -0.21
C GLN A 305 -2.76 -17.97 -0.78
N VAL A 306 -1.76 -18.21 0.07
CA VAL A 306 -0.49 -18.73 -0.42
C VAL A 306 -0.61 -20.19 -0.86
N SER A 307 -1.58 -20.92 -0.32
CA SER A 307 -1.79 -22.30 -0.78
C SER A 307 -2.34 -22.31 -2.20
N GLY A 308 -3.39 -21.52 -2.45
CA GLY A 308 -3.87 -21.37 -3.81
C GLY A 308 -2.84 -20.73 -4.72
N MET A 309 -1.94 -19.92 -4.14
CA MET A 309 -0.81 -19.39 -4.91
C MET A 309 0.14 -20.52 -5.32
N ASP A 310 0.32 -21.52 -4.44
CA ASP A 310 1.19 -22.64 -4.76
C ASP A 310 0.58 -23.52 -5.84
N GLN A 311 -0.72 -23.81 -5.72
CA GLN A 311 -1.42 -24.56 -6.77
C GLN A 311 -1.33 -23.83 -8.10
N MET A 312 -1.45 -22.50 -8.07
CA MET A 312 -1.32 -21.71 -9.30
C MET A 312 0.11 -21.75 -9.82
N LYS A 313 1.10 -21.65 -8.92
CA LYS A 313 2.49 -21.72 -9.35
C LYS A 313 2.82 -23.10 -9.93
N ARG A 314 2.39 -24.16 -9.25
CA ARG A 314 2.57 -25.51 -9.76
C ARG A 314 1.86 -25.71 -11.09
N ARG A 315 0.80 -24.93 -11.35
CA ARG A 315 0.09 -25.05 -12.62
C ARG A 315 0.98 -24.69 -13.80
N MET A 316 1.97 -23.81 -13.59
CA MET A 316 2.94 -23.51 -14.64
C MET A 316 4.06 -24.54 -14.66
N LEU A 317 4.46 -25.05 -13.48
CA LEU A 317 5.50 -26.07 -13.43
C LEU A 317 5.04 -27.36 -14.10
N GLU A 318 3.85 -27.84 -13.73
CA GLU A 318 3.30 -29.01 -14.42
C GLU A 318 3.03 -28.71 -15.89
N LYS A 319 2.82 -27.45 -16.24
CA LYS A 319 2.67 -27.09 -17.63
C LYS A 319 3.98 -27.26 -18.38
N ALA A 320 5.09 -26.78 -17.80
CA ALA A 320 6.38 -26.89 -18.46
C ALA A 320 6.81 -28.35 -18.61
N PHE A 321 6.65 -29.14 -17.55
CA PHE A 321 6.96 -30.57 -17.64
C PHE A 321 6.07 -31.25 -18.67
N GLY A 322 4.77 -30.94 -18.68
CA GLY A 322 3.86 -31.58 -19.60
C GLY A 322 4.20 -31.38 -21.06
N LEU A 323 4.98 -30.35 -21.39
CA LEU A 323 5.36 -30.09 -22.77
C LEU A 323 6.64 -30.79 -23.18
N ILE A 324 7.51 -31.15 -22.22
CA ILE A 324 8.73 -31.91 -22.51
C ILE A 324 8.49 -33.41 -22.36
N ASP A 325 7.38 -33.82 -21.76
CA ASP A 325 6.98 -35.23 -21.71
C ASP A 325 6.02 -35.48 -22.87
N SER A 326 6.58 -35.74 -24.05
CA SER A 326 5.75 -35.93 -25.24
C SER A 326 5.07 -37.28 -25.26
N ASP A 327 5.66 -38.30 -24.66
CA ASP A 327 5.12 -39.65 -24.68
C ASP A 327 3.98 -39.88 -23.69
N LYS A 328 3.65 -38.86 -22.88
CA LYS A 328 2.49 -38.90 -21.98
C LYS A 328 2.59 -39.98 -20.91
N ASN A 329 3.70 -40.72 -20.86
CA ASN A 329 3.85 -41.74 -19.82
C ASN A 329 3.98 -41.13 -18.43
N GLY A 330 4.31 -39.84 -18.33
CA GLY A 330 4.43 -39.14 -17.07
C GLY A 330 5.86 -38.92 -16.60
N GLU A 331 6.85 -39.46 -17.32
CA GLU A 331 8.24 -39.35 -16.91
C GLU A 331 9.08 -38.98 -18.12
N ILE A 332 10.27 -38.44 -17.85
CA ILE A 332 11.16 -37.92 -18.87
C ILE A 332 12.46 -38.70 -18.85
N ASP A 333 13.06 -38.87 -20.03
CA ASP A 333 14.31 -39.59 -20.17
C ASP A 333 15.49 -38.70 -19.77
N LYS A 334 16.66 -39.34 -19.68
CA LYS A 334 17.91 -38.63 -19.44
C LYS A 334 18.17 -37.65 -20.57
N ASN A 335 18.39 -38.18 -21.78
CA ASN A 335 18.66 -37.35 -22.95
C ASN A 335 17.59 -36.29 -23.17
N GLN A 336 16.39 -36.50 -22.64
CA GLN A 336 15.33 -35.52 -22.75
C GLN A 336 15.35 -34.49 -21.64
N CYS A 337 15.98 -34.81 -20.50
CA CYS A 337 16.15 -33.86 -19.40
C CYS A 337 17.55 -33.26 -19.32
N ILE A 338 18.55 -33.88 -19.94
CA ILE A 338 19.88 -33.27 -19.96
C ILE A 338 19.83 -31.95 -20.73
N LYS A 339 18.93 -31.84 -21.72
CA LYS A 339 18.78 -30.58 -22.43
C LYS A 339 18.06 -29.56 -21.55
N LEU A 340 17.02 -29.98 -20.83
CA LEU A 340 16.25 -29.05 -20.00
C LEU A 340 17.13 -28.43 -18.93
N PHE A 341 18.03 -29.21 -18.34
CA PHE A 341 19.04 -28.64 -17.45
C PHE A 341 20.03 -27.80 -18.23
N GLU A 342 20.28 -28.12 -19.50
CA GLU A 342 21.33 -27.45 -20.26
C GLU A 342 20.95 -26.02 -20.60
N GLN A 343 19.68 -25.75 -20.85
CA GLN A 343 19.22 -24.39 -21.04
C GLN A 343 18.73 -23.76 -19.75
N LEU A 344 18.61 -24.54 -18.67
CA LEU A 344 18.40 -23.97 -17.35
C LEU A 344 19.72 -23.43 -16.79
N THR A 345 20.82 -24.12 -17.04
CA THR A 345 22.13 -23.64 -16.60
C THR A 345 22.65 -22.49 -17.45
N ASN A 346 22.15 -22.34 -18.68
CA ASN A 346 22.60 -21.29 -19.58
C ASN A 346 21.72 -20.04 -19.54
N TYR A 347 20.40 -20.22 -19.52
CA TYR A 347 19.52 -19.06 -19.70
C TYR A 347 19.27 -18.32 -18.39
N ARG A 348 19.11 -19.05 -17.30
CA ARG A 348 18.62 -18.48 -16.05
C ARG A 348 19.70 -18.37 -14.99
N THR A 349 20.22 -19.49 -14.50
CA THR A 349 21.01 -19.51 -13.27
C THR A 349 22.32 -20.28 -13.49
N LEU A 350 23.17 -20.31 -12.46
CA LEU A 350 24.50 -20.90 -12.53
C LEU A 350 24.60 -22.14 -11.64
N PRO A 351 24.38 -23.34 -12.17
CA PRO A 351 24.65 -24.55 -11.40
C PRO A 351 26.01 -25.16 -11.70
N LYS A 352 26.09 -25.98 -12.75
CA LYS A 352 27.31 -26.73 -13.06
C LYS A 352 27.51 -26.78 -14.57
N ILE A 353 28.42 -27.65 -14.99
CA ILE A 353 28.77 -27.85 -16.39
C ILE A 353 28.47 -29.29 -16.76
N SER A 354 27.88 -29.49 -17.94
CA SER A 354 27.62 -30.84 -18.43
C SER A 354 28.87 -31.43 -19.06
N LYS A 355 28.98 -32.76 -18.99
CA LYS A 355 30.18 -33.46 -19.41
C LYS A 355 29.77 -34.82 -19.98
N GLU A 356 30.77 -35.66 -20.27
CA GLU A 356 30.53 -37.09 -20.35
C GLU A 356 30.41 -37.70 -18.97
N GLU A 357 30.96 -37.06 -17.95
CA GLU A 357 30.72 -37.39 -16.55
C GLU A 357 29.29 -37.07 -16.12
N PHE A 358 28.50 -36.45 -16.98
CA PHE A 358 27.08 -36.29 -16.74
C PHE A 358 26.44 -37.64 -16.45
N GLY A 359 26.59 -38.59 -17.38
CA GLY A 359 26.11 -39.94 -17.17
C GLY A 359 26.85 -40.70 -16.09
N LEU A 360 28.01 -40.20 -15.67
CA LEU A 360 28.73 -40.85 -14.58
C LEU A 360 28.10 -40.54 -13.23
N ILE A 361 27.59 -39.31 -13.06
CA ILE A 361 26.83 -39.01 -11.84
C ILE A 361 25.52 -39.79 -11.82
N PHE A 362 24.97 -40.09 -13.00
CA PHE A 362 23.73 -40.86 -13.07
C PHE A 362 23.90 -42.25 -12.48
N ASP A 363 25.01 -42.91 -12.79
CA ASP A 363 25.23 -44.27 -12.29
C ASP A 363 25.58 -44.27 -10.81
N ASN A 374 9.69 -38.26 -12.77
CA ASN A 374 8.24 -38.21 -12.85
C ASN A 374 7.75 -36.76 -12.83
N LYS A 375 6.44 -36.56 -13.04
CA LYS A 375 5.89 -35.21 -13.15
C LYS A 375 6.05 -34.44 -11.85
N ASP A 376 5.65 -35.05 -10.73
CA ASP A 376 5.67 -34.37 -9.45
C ASP A 376 7.07 -34.25 -8.86
N GLU A 377 8.02 -35.05 -9.36
CA GLU A 377 9.41 -34.94 -8.90
C GLU A 377 10.16 -33.82 -9.60
N PHE A 378 9.84 -33.55 -10.86
CA PHE A 378 10.53 -32.49 -11.58
C PHE A 378 10.25 -31.12 -10.98
N ALA A 379 9.02 -30.92 -10.47
CA ALA A 379 8.70 -29.63 -9.86
C ALA A 379 9.56 -29.38 -8.63
N ASP A 380 9.75 -30.40 -7.80
CA ASP A 380 10.60 -30.26 -6.62
C ASP A 380 12.07 -30.07 -7.00
N LEU A 381 12.48 -30.63 -8.13
CA LEU A 381 13.87 -30.48 -8.57
C LEU A 381 14.19 -29.03 -8.90
N CYS A 382 13.35 -28.39 -9.72
CA CYS A 382 13.59 -27.00 -10.09
C CYS A 382 13.39 -26.07 -8.90
N GLN A 383 12.50 -26.41 -7.97
CA GLN A 383 12.38 -25.63 -6.74
C GLN A 383 13.61 -25.79 -5.87
N ALA A 384 14.30 -26.93 -5.95
CA ALA A 384 15.59 -27.09 -5.28
C ALA A 384 16.71 -26.38 -6.03
N ILE A 385 16.65 -26.39 -7.37
CA ILE A 385 17.50 -25.51 -8.15
C ILE A 385 17.20 -24.06 -7.82
N ALA A 386 15.97 -23.78 -7.38
CA ALA A 386 15.55 -22.40 -7.18
C ALA A 386 16.15 -21.79 -5.92
N LEU A 387 16.54 -22.61 -4.96
CA LEU A 387 17.08 -22.09 -3.70
C LEU A 387 18.59 -22.17 -3.63
N ARG A 388 19.20 -23.20 -4.22
CA ARG A 388 20.65 -23.33 -4.21
C ARG A 388 21.26 -22.85 -5.52
N PHE A 389 21.04 -23.62 -6.60
CA PHE A 389 21.66 -23.31 -7.88
C PHE A 389 21.20 -21.97 -8.46
N GLN A 390 20.07 -21.44 -8.00
CA GLN A 390 19.48 -20.28 -8.64
C GLN A 390 20.14 -18.98 -8.18
N LYS A 391 20.63 -18.21 -9.15
CA LYS A 391 21.01 -16.82 -8.95
C LYS A 391 20.80 -16.13 -10.30
N GLU A 392 19.63 -15.52 -10.47
CA GLU A 392 19.15 -15.02 -11.76
C GLU A 392 20.21 -14.21 -12.49
N GLU A 393 20.70 -14.74 -13.62
CA GLU A 393 21.79 -14.11 -14.33
C GLU A 393 21.32 -12.86 -15.06
N VAL A 394 22.29 -12.13 -15.59
CA VAL A 394 22.05 -10.81 -16.18
C VAL A 394 21.36 -10.99 -17.53
N PRO A 395 20.26 -10.30 -17.80
CA PRO A 395 19.76 -10.21 -19.18
C PRO A 395 20.67 -9.31 -20.01
N SER A 396 20.48 -9.35 -21.32
CA SER A 396 21.33 -8.61 -22.23
C SER A 396 21.27 -7.12 -21.95
N LEU A 397 22.18 -6.38 -22.58
CA LEU A 397 22.41 -4.96 -22.30
C LEU A 397 22.88 -4.78 -20.86
N GLN A 403 23.49 -5.36 -27.81
CA GLN A 403 23.80 -3.94 -27.63
C GLN A 403 24.36 -3.30 -28.88
N ILE A 404 24.90 -4.14 -29.78
CA ILE A 404 25.61 -3.69 -30.97
C ILE A 404 26.75 -2.78 -30.55
N TYR A 405 27.52 -3.21 -29.54
CA TYR A 405 28.54 -2.34 -28.97
C TYR A 405 29.75 -3.15 -28.53
N HIS A 406 30.81 -2.42 -28.19
CA HIS A 406 32.07 -3.00 -27.76
C HIS A 406 32.15 -2.94 -26.24
N SER A 407 32.54 -4.06 -25.62
CA SER A 407 32.71 -4.07 -24.18
C SER A 407 33.93 -3.30 -23.73
N ALA A 408 34.88 -3.06 -24.63
CA ALA A 408 36.21 -2.52 -24.33
C ALA A 408 36.20 -1.34 -23.37
N LEU A 409 35.78 -0.17 -23.84
CA LEU A 409 35.85 1.04 -23.01
C LEU A 409 35.01 0.91 -21.74
N SER A 410 33.88 0.20 -21.82
CA SER A 410 33.06 -0.04 -20.63
C SER A 410 33.64 -1.12 -19.73
N GLN A 411 34.47 -2.02 -20.28
CA GLN A 411 34.94 -3.17 -19.50
C GLN A 411 35.76 -2.74 -18.29
N GLN A 412 36.43 -1.59 -18.37
CA GLN A 412 37.14 -1.06 -17.22
C GLN A 412 36.15 -0.74 -16.10
N LEU A 413 35.27 0.24 -16.34
CA LEU A 413 34.36 0.72 -15.31
C LEU A 413 33.54 -0.41 -14.68
N ARG A 414 33.24 -1.46 -15.45
CA ARG A 414 32.30 -2.48 -14.96
C ARG A 414 32.93 -3.35 -13.88
N ALA A 415 34.22 -3.68 -14.02
CA ALA A 415 34.86 -4.52 -13.01
C ALA A 415 35.22 -3.75 -11.75
N PHE A 416 35.60 -2.47 -11.89
CA PHE A 416 35.94 -1.65 -10.74
C PHE A 416 34.71 -1.22 -9.93
N VAL A 417 33.52 -1.27 -10.53
CA VAL A 417 32.31 -0.89 -9.82
C VAL A 417 31.69 -2.06 -9.08
N ARG A 418 31.92 -3.30 -9.55
CA ARG A 418 31.44 -4.47 -8.83
C ARG A 418 32.34 -4.81 -7.65
N SER A 419 33.53 -4.23 -7.58
CA SER A 419 34.43 -4.47 -6.48
C SER A 419 33.80 -3.97 -5.18
N PRO A 420 34.08 -4.64 -4.05
CA PRO A 420 33.53 -4.16 -2.78
C PRO A 420 34.03 -2.78 -2.39
N ASN A 421 35.22 -2.39 -2.86
CA ASN A 421 35.76 -1.07 -2.52
C ASN A 421 34.87 0.05 -3.05
N PHE A 422 34.13 -0.20 -4.14
CA PHE A 422 33.17 0.79 -4.61
C PHE A 422 32.00 0.92 -3.64
N GLY A 423 31.56 -0.20 -3.07
CA GLY A 423 30.50 -0.14 -2.07
C GLY A 423 30.93 0.60 -0.81
N TYR A 424 32.23 0.53 -0.49
CA TYR A 424 32.75 1.34 0.62
C TYR A 424 32.90 2.80 0.23
N ALA A 425 33.13 3.09 -1.05
CA ALA A 425 33.32 4.47 -1.48
C ALA A 425 32.02 5.26 -1.35
N ILE A 426 30.94 4.73 -1.92
CA ILE A 426 29.64 5.40 -1.79
C ILE A 426 29.20 5.46 -0.34
N SER A 427 29.61 4.48 0.47
CA SER A 427 29.27 4.50 1.88
C SER A 427 29.92 5.69 2.57
N PHE A 428 31.24 5.86 2.41
CA PHE A 428 31.92 7.01 2.99
C PHE A 428 31.42 8.32 2.38
N ILE A 429 30.96 8.27 1.13
CA ILE A 429 30.41 9.47 0.49
C ILE A 429 29.12 9.91 1.16
N LEU A 430 28.31 8.96 1.65
CA LEU A 430 27.10 9.33 2.37
C LEU A 430 27.39 9.68 3.82
N ILE A 431 28.45 9.13 4.40
CA ILE A 431 28.86 9.53 5.75
C ILE A 431 29.35 10.97 5.74
N ILE A 432 30.25 11.30 4.82
CA ILE A 432 30.69 12.69 4.66
C ILE A 432 29.54 13.56 4.17
N ASN A 433 28.50 12.94 3.59
CA ASN A 433 27.29 13.69 3.27
C ASN A 433 26.43 13.95 4.50
N PHE A 434 26.40 13.00 5.45
CA PHE A 434 25.61 13.20 6.66
C PHE A 434 26.19 14.33 7.50
N ILE A 435 27.49 14.28 7.80
CA ILE A 435 28.12 15.36 8.54
C ILE A 435 28.07 16.67 7.75
N ALA A 436 27.87 16.60 6.43
CA ALA A 436 27.70 17.82 5.65
C ALA A 436 26.29 18.38 5.80
N VAL A 437 25.28 17.51 5.80
CA VAL A 437 23.90 17.98 5.90
C VAL A 437 23.62 18.53 7.30
N VAL A 438 24.16 17.90 8.33
CA VAL A 438 23.91 18.37 9.69
C VAL A 438 24.49 19.75 9.92
N VAL A 439 25.44 20.18 9.09
CA VAL A 439 26.02 21.51 9.24
C VAL A 439 25.19 22.57 8.50
N GLU A 440 24.78 22.29 7.27
CA GLU A 440 23.93 23.22 6.54
C GLU A 440 22.63 23.49 7.30
N THR A 441 22.00 22.41 7.80
CA THR A 441 20.78 22.59 8.59
C THR A 441 21.07 23.33 9.88
N THR A 442 22.16 22.96 10.57
CA THR A 442 22.47 23.63 11.83
C THR A 442 22.96 25.06 11.63
N LEU A 443 23.16 25.49 10.38
CA LEU A 443 23.44 26.89 10.12
C LEU A 443 22.20 27.67 9.73
N ASP A 444 21.12 26.98 9.33
CA ASP A 444 19.83 27.65 9.22
C ASP A 444 19.30 28.05 10.58
N ILE A 445 19.41 27.17 11.58
CA ILE A 445 18.92 27.50 12.91
C ILE A 445 19.74 28.63 13.52
N GLU A 446 21.06 28.59 13.36
CA GLU A 446 21.89 29.72 13.77
C GLU A 446 21.61 30.97 12.94
N GLU A 447 20.95 30.82 11.78
CA GLU A 447 20.64 31.88 10.83
C GLU A 447 21.89 32.56 10.29
N SER A 448 23.06 31.97 10.50
CA SER A 448 24.29 32.51 9.92
C SER A 448 24.27 32.34 8.41
N SER A 449 24.78 33.35 7.70
CA SER A 449 24.85 33.27 6.25
C SER A 449 25.84 32.22 5.76
N ALA A 450 26.62 31.62 6.66
CA ALA A 450 27.53 30.53 6.30
C ALA A 450 26.79 29.24 5.95
N GLN A 451 25.46 29.21 6.03
CA GLN A 451 24.69 28.09 5.52
C GLN A 451 24.81 27.96 4.00
N LYS A 452 25.17 29.05 3.32
CA LYS A 452 25.18 29.03 1.86
C LYS A 452 26.27 28.13 1.30
N PRO A 453 27.56 28.34 1.60
CA PRO A 453 28.60 27.54 0.91
C PRO A 453 28.48 26.06 1.14
N TRP A 454 28.03 25.62 2.33
CA TRP A 454 27.82 24.20 2.56
C TRP A 454 26.60 23.68 1.81
N GLN A 455 25.59 24.53 1.60
CA GLN A 455 24.36 24.05 0.95
C GLN A 455 24.55 23.86 -0.55
N VAL A 456 25.48 24.59 -1.16
CA VAL A 456 25.79 24.33 -2.56
C VAL A 456 26.67 23.09 -2.70
N ALA A 457 27.50 22.80 -1.68
CA ALA A 457 28.26 21.56 -1.65
C ALA A 457 27.35 20.34 -1.52
N GLU A 458 26.15 20.51 -0.97
CA GLU A 458 25.18 19.43 -0.96
C GLU A 458 24.64 19.17 -2.36
N PHE A 459 24.53 20.21 -3.19
CA PHE A 459 24.16 20.01 -4.58
C PHE A 459 25.17 19.14 -5.31
N VAL A 460 26.47 19.37 -5.05
CA VAL A 460 27.50 18.52 -5.64
C VAL A 460 27.40 17.09 -5.12
N PHE A 461 26.84 16.90 -3.92
CA PHE A 461 26.55 15.56 -3.45
C PHE A 461 25.43 14.92 -4.25
N GLY A 462 24.40 15.70 -4.57
CA GLY A 462 23.35 15.22 -5.45
C GLY A 462 23.84 14.85 -6.84
N TRP A 463 24.96 15.45 -7.27
CA TRP A 463 25.57 15.06 -8.53
C TRP A 463 26.41 13.79 -8.40
N ILE A 464 26.97 13.55 -7.21
CA ILE A 464 27.66 12.28 -6.97
C ILE A 464 26.69 11.11 -7.12
N TYR A 465 25.44 11.31 -6.72
CA TYR A 465 24.48 10.21 -6.70
C TYR A 465 23.82 10.01 -8.06
N VAL A 466 23.65 11.07 -8.84
CA VAL A 466 23.18 10.87 -10.21
C VAL A 466 24.29 10.26 -11.05
N LEU A 467 25.55 10.56 -10.73
CA LEU A 467 26.66 9.81 -11.30
C LEU A 467 26.60 8.36 -10.87
N GLU A 468 26.48 8.12 -9.56
CA GLU A 468 26.37 6.75 -9.04
C GLU A 468 25.20 6.02 -9.68
N MET A 469 24.06 6.70 -9.85
CA MET A 469 22.93 6.08 -10.52
C MET A 469 23.25 5.80 -11.98
N ALA A 470 23.91 6.74 -12.66
CA ALA A 470 24.19 6.56 -14.08
C ALA A 470 25.27 5.51 -14.32
N LEU A 471 26.29 5.47 -13.46
CA LEU A 471 27.35 4.48 -13.64
C LEU A 471 26.89 3.08 -13.23
N LYS A 472 25.99 2.97 -12.24
CA LYS A 472 25.58 1.65 -11.77
C LYS A 472 24.55 1.02 -12.70
N ILE A 473 23.63 1.83 -13.25
CA ILE A 473 22.70 1.29 -14.23
C ILE A 473 23.44 0.89 -15.51
N TYR A 474 24.57 1.52 -15.78
CA TYR A 474 25.34 1.22 -16.99
C TYR A 474 26.18 -0.04 -16.83
N THR A 475 26.57 -0.37 -15.60
CA THR A 475 27.47 -1.48 -15.34
C THR A 475 26.76 -2.75 -14.89
N TYR A 476 25.45 -2.68 -14.66
CA TYR A 476 24.67 -3.86 -14.30
C TYR A 476 23.52 -4.15 -15.25
N GLY A 477 23.07 -3.18 -16.04
CA GLY A 477 21.88 -3.35 -16.83
C GLY A 477 20.66 -2.80 -16.12
N PHE A 478 19.73 -2.22 -16.88
CA PHE A 478 18.57 -1.59 -16.26
C PHE A 478 17.69 -2.61 -15.53
N GLU A 479 17.67 -3.87 -16.00
CA GLU A 479 16.82 -4.87 -15.36
C GLU A 479 17.44 -5.39 -14.07
N ASN A 480 18.76 -5.64 -14.07
CA ASN A 480 19.43 -6.01 -12.82
C ASN A 480 19.40 -4.86 -11.82
N TYR A 481 19.59 -3.63 -12.30
CA TYR A 481 19.48 -2.48 -11.42
C TYR A 481 18.08 -2.32 -10.87
N TRP A 482 17.07 -2.73 -11.64
CA TRP A 482 15.69 -2.67 -11.15
C TRP A 482 15.29 -3.92 -10.37
N ARG A 483 16.11 -4.96 -10.36
CA ARG A 483 15.73 -6.18 -9.65
C ARG A 483 15.74 -5.96 -8.13
N GLU A 484 16.79 -5.33 -7.61
CA GLU A 484 16.90 -5.12 -6.17
C GLU A 484 16.04 -3.94 -5.75
N GLY A 485 15.42 -4.07 -4.57
CA GLY A 485 14.45 -3.08 -4.15
C GLY A 485 15.08 -1.75 -3.79
N ALA A 486 16.28 -1.78 -3.23
CA ALA A 486 16.93 -0.53 -2.84
C ALA A 486 17.32 0.30 -4.05
N ASN A 487 17.68 -0.35 -5.16
CA ASN A 487 18.13 0.39 -6.34
C ASN A 487 16.97 1.01 -7.10
N ARG A 488 15.80 0.36 -7.11
CA ARG A 488 14.61 0.99 -7.66
C ARG A 488 14.33 2.31 -6.95
N PHE A 489 14.38 2.29 -5.61
CA PHE A 489 14.16 3.48 -4.81
C PHE A 489 15.11 4.60 -5.21
N ASP A 490 16.42 4.36 -5.08
CA ASP A 490 17.43 5.38 -5.39
C ASP A 490 17.21 5.98 -6.78
N PHE A 491 16.91 5.14 -7.76
CA PHE A 491 16.67 5.62 -9.12
C PHE A 491 15.58 6.68 -9.15
N LEU A 492 14.43 6.40 -8.52
CA LEU A 492 13.33 7.36 -8.53
C LEU A 492 13.59 8.54 -7.60
N VAL A 493 14.44 8.39 -6.59
CA VAL A 493 14.79 9.53 -5.75
C VAL A 493 15.95 10.32 -6.35
N THR A 494 16.86 9.66 -7.08
CA THR A 494 17.82 10.40 -7.89
C THR A 494 17.11 11.21 -8.96
N TRP A 495 16.04 10.65 -9.54
CA TRP A 495 15.29 11.34 -10.57
C TRP A 495 14.37 12.43 -10.01
N VAL A 496 14.05 12.40 -8.72
CA VAL A 496 13.39 13.55 -8.11
C VAL A 496 14.38 14.65 -7.80
N ILE A 497 15.68 14.33 -7.79
CA ILE A 497 16.71 15.36 -7.65
C ILE A 497 16.96 16.04 -8.98
N VAL A 498 17.05 15.27 -10.07
CA VAL A 498 17.39 15.86 -11.37
C VAL A 498 16.25 16.71 -11.91
N ILE A 499 14.99 16.33 -11.63
CA ILE A 499 13.90 17.22 -11.99
C ILE A 499 13.90 18.44 -11.09
N GLY A 500 14.40 18.30 -9.86
CA GLY A 500 14.59 19.47 -9.02
C GLY A 500 15.65 20.40 -9.56
N GLU A 501 16.75 19.85 -10.10
CA GLU A 501 17.82 20.67 -10.61
C GLU A 501 17.38 21.46 -11.84
N THR A 502 16.74 20.78 -12.79
CA THR A 502 16.22 21.48 -13.97
C THR A 502 15.21 22.56 -13.56
N ALA A 503 14.34 22.25 -12.59
CA ALA A 503 13.36 23.23 -12.15
C ALA A 503 14.02 24.36 -11.37
N THR A 504 14.78 24.02 -10.33
CA THR A 504 15.34 25.03 -9.42
C THR A 504 16.21 26.04 -10.15
N PHE A 505 16.85 25.65 -11.25
CA PHE A 505 17.78 26.52 -11.94
C PHE A 505 17.18 27.23 -13.15
N ILE A 506 16.13 26.69 -13.76
CA ILE A 506 15.43 27.42 -14.82
C ILE A 506 14.38 28.36 -14.24
N THR A 507 13.89 28.09 -13.03
CA THR A 507 12.81 28.88 -12.43
C THR A 507 13.22 30.30 -12.03
N PRO A 508 14.37 30.54 -11.35
CA PRO A 508 14.55 31.85 -10.71
C PRO A 508 14.52 33.03 -11.67
N PHE A 514 18.14 28.46 -0.49
CA PHE A 514 17.04 29.16 0.18
C PHE A 514 15.80 28.28 0.26
N SER A 515 14.69 28.85 0.72
CA SER A 515 13.44 28.10 0.83
C SER A 515 13.00 27.53 -0.51
N ASN A 516 13.45 28.11 -1.63
CA ASN A 516 13.25 27.51 -2.94
C ASN A 516 14.17 26.32 -3.18
N GLY A 517 15.24 26.18 -2.41
CA GLY A 517 16.17 25.08 -2.60
C GLY A 517 16.42 24.24 -1.36
N GLU A 518 16.35 24.87 -0.18
CA GLU A 518 16.55 24.13 1.06
C GLU A 518 15.52 23.02 1.22
N TRP A 519 14.23 23.39 1.18
CA TRP A 519 13.18 22.41 1.44
C TRP A 519 13.15 21.30 0.40
N ILE A 520 13.40 21.65 -0.87
CA ILE A 520 13.26 20.67 -1.94
C ILE A 520 14.44 19.70 -2.04
N ARG A 521 15.52 19.94 -1.30
CA ARG A 521 16.70 19.10 -1.42
C ARG A 521 17.13 18.45 -0.12
N TYR A 522 17.06 19.17 1.00
CA TYR A 522 17.50 18.59 2.28
C TYR A 522 16.66 17.39 2.67
N LEU A 523 15.43 17.28 2.16
CA LEU A 523 14.62 16.10 2.45
C LEU A 523 15.24 14.84 1.87
N LEU A 524 15.84 14.94 0.69
CA LEU A 524 16.31 13.75 -0.02
C LEU A 524 17.62 13.25 0.56
N LEU A 525 17.94 13.68 1.78
CA LEU A 525 18.93 12.94 2.55
C LEU A 525 18.43 11.56 2.91
N ALA A 526 17.14 11.29 2.67
CA ALA A 526 16.57 9.95 2.88
C ALA A 526 17.25 8.90 2.00
N ARG A 527 17.97 9.31 0.96
CA ARG A 527 18.78 8.34 0.23
C ARG A 527 19.99 7.89 1.03
N MET A 528 20.29 8.54 2.15
CA MET A 528 21.30 8.08 3.09
C MET A 528 20.70 7.24 4.21
N LEU A 529 19.50 6.70 4.01
CA LEU A 529 18.84 5.89 5.02
C LEU A 529 19.24 4.42 4.97
N ARG A 530 19.77 3.94 3.85
CA ARG A 530 20.29 2.58 3.80
C ARG A 530 21.52 2.40 4.67
N LEU A 531 22.01 3.45 5.32
CA LEU A 531 23.00 3.30 6.37
C LEU A 531 22.45 2.56 7.58
N ILE A 532 21.12 2.42 7.69
CA ILE A 532 20.53 1.68 8.80
C ILE A 532 20.72 0.18 8.64
N ARG A 533 20.98 -0.30 7.42
CA ARG A 533 21.33 -1.70 7.23
C ARG A 533 22.60 -2.07 7.99
N LEU A 534 23.37 -1.09 8.46
CA LEU A 534 24.53 -1.34 9.29
C LEU A 534 24.15 -2.08 10.57
N LEU A 535 23.10 -1.60 11.24
CA LEU A 535 22.70 -2.15 12.53
C LEU A 535 22.28 -3.61 12.46
N MET A 536 22.00 -4.14 11.26
CA MET A 536 21.75 -5.58 11.13
C MET A 536 22.99 -6.40 11.43
N ASN A 537 24.18 -5.78 11.42
CA ASN A 537 25.38 -6.49 11.86
C ASN A 537 25.35 -6.74 13.36
N VAL A 538 24.66 -5.90 14.12
CA VAL A 538 24.46 -6.13 15.54
C VAL A 538 23.38 -7.20 15.70
N GLN A 539 23.74 -8.30 16.38
CA GLN A 539 22.84 -9.45 16.43
C GLN A 539 21.52 -9.12 17.13
N ARG A 540 21.54 -8.20 18.09
CA ARG A 540 20.31 -7.79 18.76
C ARG A 540 19.31 -7.22 17.75
N TYR A 541 19.67 -6.10 17.14
CA TYR A 541 18.76 -5.33 16.29
C TYR A 541 18.54 -5.93 14.92
N ARG A 542 19.06 -7.13 14.64
CA ARG A 542 18.93 -7.69 13.30
C ARG A 542 17.48 -7.98 12.95
N ALA A 543 16.80 -8.77 13.79
CA ALA A 543 15.41 -9.11 13.53
C ALA A 543 14.53 -7.87 13.46
N PHE A 544 14.86 -6.84 14.27
CA PHE A 544 14.08 -5.61 14.29
C PHE A 544 14.15 -4.91 12.94
N ILE A 545 15.38 -4.61 12.49
CA ILE A 545 15.56 -3.87 11.25
C ILE A 545 15.16 -4.72 10.05
N ALA A 546 15.53 -6.00 10.05
CA ALA A 546 15.21 -6.86 8.91
C ALA A 546 13.71 -7.03 8.76
N THR A 547 12.98 -7.15 9.88
CA THR A 547 11.52 -7.14 9.80
C THR A 547 11.02 -5.82 9.24
N PHE A 548 11.48 -4.70 9.82
CA PHE A 548 11.06 -3.38 9.38
C PHE A 548 11.28 -3.19 7.89
N ILE A 549 12.46 -3.56 7.40
CA ILE A 549 12.77 -3.41 5.98
C ILE A 549 11.84 -4.29 5.14
N THR A 550 11.66 -5.54 5.56
CA THR A 550 10.70 -6.40 4.88
C THR A 550 9.25 -6.02 5.18
N LEU A 551 9.02 -5.16 6.17
CA LEU A 551 7.66 -4.71 6.46
C LEU A 551 7.23 -3.57 5.54
N ILE A 552 8.15 -2.67 5.20
CA ILE A 552 7.81 -1.47 4.43
C ILE A 552 7.09 -1.81 3.13
N PRO A 553 7.55 -2.79 2.32
CA PRO A 553 6.78 -3.14 1.12
C PRO A 553 5.61 -4.05 1.42
N SER A 554 5.78 -4.99 2.36
CA SER A 554 4.72 -5.96 2.64
C SER A 554 3.51 -5.31 3.31
N LEU A 555 3.71 -4.21 4.03
CA LEU A 555 2.60 -3.48 4.62
C LEU A 555 1.93 -2.52 3.64
N MET A 556 2.51 -2.29 2.47
CA MET A 556 1.99 -1.29 1.54
C MET A 556 0.68 -1.70 0.87
N PRO A 557 0.50 -2.97 0.45
CA PRO A 557 -0.83 -3.35 -0.05
C PRO A 557 -1.91 -3.27 1.01
N TYR A 558 -1.56 -3.47 2.28
CA TYR A 558 -2.52 -3.35 3.36
C TYR A 558 -2.72 -1.90 3.79
N LEU A 559 -1.69 -1.07 3.66
CA LEU A 559 -1.82 0.36 3.94
C LEU A 559 -2.47 1.11 2.79
N GLY A 560 -2.41 0.58 1.57
CA GLY A 560 -3.17 1.16 0.48
C GLY A 560 -4.63 0.79 0.53
N THR A 561 -4.96 -0.38 1.08
CA THR A 561 -6.35 -0.78 1.21
C THR A 561 -7.08 0.08 2.24
N ILE A 562 -6.51 0.20 3.45
CA ILE A 562 -7.10 1.06 4.47
C ILE A 562 -7.14 2.51 3.97
N PHE A 563 -6.20 2.88 3.10
CA PHE A 563 -6.18 4.22 2.56
C PHE A 563 -7.37 4.45 1.63
N CYS A 564 -7.64 3.49 0.73
CA CYS A 564 -8.78 3.62 -0.17
C CYS A 564 -10.09 3.69 0.58
N VAL A 565 -10.16 3.11 1.78
CA VAL A 565 -11.36 3.21 2.60
C VAL A 565 -11.64 4.66 2.97
N LEU A 566 -10.59 5.40 3.34
CA LEU A 566 -10.76 6.82 3.65
C LEU A 566 -11.26 7.59 2.43
N CYS A 567 -10.85 7.17 1.23
CA CYS A 567 -11.21 7.89 0.03
C CYS A 567 -12.67 7.67 -0.34
N ILE A 568 -13.18 6.45 -0.13
CA ILE A 568 -14.62 6.23 -0.19
C ILE A 568 -15.30 7.03 0.91
N TYR A 569 -14.79 6.94 2.13
CA TYR A 569 -15.39 7.63 3.26
C TYR A 569 -15.36 9.15 3.07
N CYS A 570 -14.30 9.67 2.45
CA CYS A 570 -14.21 11.12 2.26
C CYS A 570 -15.19 11.59 1.20
N SER A 571 -15.39 10.79 0.14
CA SER A 571 -16.44 11.10 -0.82
C SER A 571 -17.81 11.19 -0.15
N ILE A 572 -18.03 10.37 0.89
CA ILE A 572 -19.29 10.42 1.63
C ILE A 572 -19.36 11.67 2.49
N GLY A 573 -18.28 11.97 3.21
CA GLY A 573 -18.28 13.13 4.08
C GLY A 573 -18.43 14.43 3.33
N VAL A 574 -17.90 14.49 2.10
CA VAL A 574 -18.08 15.67 1.27
C VAL A 574 -19.55 15.85 0.91
N GLN A 575 -20.21 14.77 0.49
CA GLN A 575 -21.60 14.87 0.06
C GLN A 575 -22.51 15.23 1.22
N VAL A 576 -22.35 14.55 2.35
CA VAL A 576 -23.30 14.73 3.45
C VAL A 576 -22.97 15.97 4.28
N PHE A 577 -21.71 16.35 4.36
CA PHE A 577 -21.28 17.49 5.18
C PHE A 577 -20.62 18.53 4.27
N GLY A 578 -21.46 19.31 3.60
CA GLY A 578 -20.97 20.35 2.71
C GLY A 578 -20.84 21.70 3.40
N GLY A 579 -21.77 22.00 4.31
CA GLY A 579 -21.73 23.24 5.05
C GLY A 579 -20.75 23.20 6.19
N LEU A 580 -20.76 24.27 6.98
CA LEU A 580 -19.89 24.44 8.14
C LEU A 580 -18.43 24.38 7.74
N GLY A 584 -26.26 27.03 9.01
CA GLY A 584 -25.97 27.48 10.36
C GLY A 584 -24.49 27.60 10.62
N ASN A 585 -23.75 28.05 9.61
CA ASN A 585 -22.29 28.08 9.69
C ASN A 585 -21.77 29.01 10.78
N LYS A 586 -22.58 29.96 11.24
CA LYS A 586 -22.04 31.00 12.11
C LYS A 586 -22.42 30.86 13.58
N LYS A 587 -23.61 30.33 13.89
CA LYS A 587 -23.94 30.09 15.28
C LYS A 587 -23.68 28.67 15.72
N LEU A 588 -23.77 27.70 14.81
CA LEU A 588 -23.55 26.31 15.17
C LEU A 588 -22.08 25.94 15.18
N PHE A 589 -21.26 26.61 14.37
CA PHE A 589 -19.83 26.32 14.35
C PHE A 589 -19.17 26.70 15.67
N GLU A 590 -19.52 27.87 16.21
CA GLU A 590 -18.87 28.34 17.43
C GLU A 590 -19.47 27.70 18.68
N THR A 591 -20.75 27.34 18.64
CA THR A 591 -21.37 26.67 19.79
C THR A 591 -20.97 25.21 19.87
N GLU A 592 -20.86 24.55 18.72
CA GLU A 592 -20.46 23.14 18.71
C GLU A 592 -19.07 22.97 19.31
N LEU A 593 -18.06 23.57 18.68
CA LEU A 593 -16.68 23.36 19.05
C LEU A 593 -15.96 24.69 19.20
N ALA A 594 -14.88 24.67 19.99
CA ALA A 594 -14.04 25.83 20.21
C ALA A 594 -12.57 25.42 20.07
N GLU A 595 -12.03 24.75 21.10
CA GLU A 595 -10.73 24.10 20.95
C GLU A 595 -10.77 23.06 19.84
N ASP A 596 -11.93 22.44 19.63
CA ASP A 596 -12.14 21.44 18.59
C ASP A 596 -12.63 22.05 17.28
N ASP A 597 -13.06 23.31 17.29
CA ASP A 597 -13.29 24.02 16.03
C ASP A 597 -11.97 24.30 15.34
N TYR A 598 -10.91 24.52 16.11
CA TYR A 598 -9.57 24.44 15.55
C TYR A 598 -9.34 23.10 14.88
N LEU A 599 -9.81 22.01 15.50
CA LEU A 599 -9.74 20.70 14.88
C LEU A 599 -10.75 20.58 13.74
N LEU A 600 -11.98 21.02 13.97
CA LEU A 600 -13.01 21.02 12.93
C LEU A 600 -12.92 22.30 12.10
N PHE A 601 -11.75 22.48 11.50
CA PHE A 601 -11.52 23.48 10.48
C PHE A 601 -11.48 22.84 9.09
N ASN A 602 -11.81 21.56 9.00
CA ASN A 602 -11.70 20.80 7.76
C ASN A 602 -13.00 20.04 7.51
N PHE A 603 -12.91 19.00 6.69
CA PHE A 603 -14.01 18.14 6.23
C PHE A 603 -15.04 18.87 5.38
N ASN A 604 -14.77 20.13 5.01
CA ASN A 604 -15.50 20.77 3.93
C ASN A 604 -14.80 20.62 2.59
N ASP A 605 -13.59 20.06 2.60
CA ASP A 605 -12.82 19.79 1.39
C ASP A 605 -12.36 18.34 1.43
N TYR A 606 -12.15 17.77 0.25
CA TYR A 606 -11.77 16.36 0.16
C TYR A 606 -10.38 16.13 0.75
N PRO A 607 -9.37 16.96 0.45
CA PRO A 607 -8.11 16.82 1.20
C PRO A 607 -8.27 17.15 2.67
N ASN A 608 -9.03 18.22 2.98
CA ASN A 608 -9.39 18.49 4.37
C ASN A 608 -10.09 17.29 5.00
N GLY A 609 -10.98 16.64 4.23
CA GLY A 609 -11.60 15.43 4.72
C GLY A 609 -10.64 14.26 4.80
N MET A 610 -9.62 14.25 3.94
CA MET A 610 -8.67 13.15 3.95
C MET A 610 -7.75 13.23 5.17
N VAL A 611 -7.36 14.44 5.56
CA VAL A 611 -6.48 14.58 6.72
C VAL A 611 -7.27 14.42 8.02
N THR A 612 -8.56 14.74 8.02
CA THR A 612 -9.35 14.60 9.24
C THR A 612 -9.82 13.17 9.46
N LEU A 613 -9.98 12.40 8.38
CA LEU A 613 -10.19 10.96 8.54
C LEU A 613 -8.93 10.29 9.08
N PHE A 614 -7.76 10.81 8.71
CA PHE A 614 -6.51 10.36 9.33
C PHE A 614 -6.52 10.67 10.83
N ASN A 615 -6.98 11.86 11.21
CA ASN A 615 -7.10 12.19 12.63
C ASN A 615 -8.08 11.26 13.33
N LEU A 616 -9.16 10.88 12.64
CA LEU A 616 -10.04 9.84 13.15
C LEU A 616 -9.41 8.45 13.03
N LEU A 617 -8.47 8.27 12.09
CA LEU A 617 -7.81 6.98 11.94
C LEU A 617 -6.79 6.73 13.05
N VAL A 618 -6.08 7.77 13.48
CA VAL A 618 -5.25 7.67 14.67
C VAL A 618 -6.08 7.73 15.95
N MET A 619 -7.35 8.10 15.85
CA MET A 619 -8.28 8.12 16.99
C MET A 619 -7.82 9.09 18.07
N GLY A 620 -7.15 10.17 17.68
CA GLY A 620 -6.76 11.20 18.62
C GLY A 620 -7.80 12.30 18.73
N ASN A 621 -8.50 12.33 19.87
CA ASN A 621 -9.63 13.24 20.06
C ASN A 621 -10.63 13.11 18.92
N TRP A 622 -10.94 11.86 18.56
CA TRP A 622 -11.78 11.60 17.41
C TRP A 622 -13.24 11.95 17.65
N GLN A 623 -13.69 11.83 18.90
CA GLN A 623 -15.10 12.07 19.21
C GLN A 623 -15.52 13.52 19.04
N VAL A 624 -14.56 14.45 18.95
CA VAL A 624 -14.94 15.86 18.79
C VAL A 624 -15.44 16.13 17.38
N TRP A 625 -15.02 15.34 16.39
CA TRP A 625 -15.60 15.42 15.06
C TRP A 625 -16.98 14.78 15.02
N MET A 626 -17.14 13.66 15.72
CA MET A 626 -18.41 12.93 15.70
C MET A 626 -19.49 13.69 16.46
N GLU A 627 -19.16 14.15 17.68
CA GLU A 627 -20.15 14.87 18.48
C GLU A 627 -20.56 16.18 17.83
N SER A 628 -19.64 16.82 17.11
CA SER A 628 -19.93 18.11 16.52
C SER A 628 -20.80 17.97 15.28
N TYR A 629 -20.30 17.25 14.27
CA TYR A 629 -21.09 17.00 13.07
C TYR A 629 -22.45 16.38 13.40
N LYS A 630 -22.61 15.82 14.60
CA LYS A 630 -23.93 15.45 15.08
C LYS A 630 -24.81 16.68 15.26
N ASP A 631 -24.38 17.62 16.11
CA ASP A 631 -25.16 18.84 16.34
C ASP A 631 -25.01 19.86 15.22
N LEU A 632 -24.09 19.64 14.28
CA LEU A 632 -24.10 20.43 13.05
C LEU A 632 -25.20 19.98 12.11
N THR A 633 -25.50 18.68 12.10
CA THR A 633 -26.65 18.16 11.38
C THR A 633 -27.91 18.13 12.25
N GLY A 634 -27.74 17.95 13.56
CA GLY A 634 -28.84 17.95 14.50
C GLY A 634 -29.32 16.57 14.91
N THR A 635 -29.16 15.57 14.05
CA THR A 635 -29.66 14.23 14.30
C THR A 635 -28.53 13.31 14.75
N TRP A 636 -28.89 12.32 15.56
CA TRP A 636 -27.93 11.32 16.02
C TRP A 636 -27.47 10.39 14.90
N TRP A 637 -28.15 10.37 13.76
CA TRP A 637 -27.83 9.44 12.70
C TRP A 637 -26.58 9.82 11.91
N SER A 638 -26.03 11.02 12.13
CA SER A 638 -24.78 11.39 11.49
C SER A 638 -23.56 10.80 12.18
N ILE A 639 -23.69 10.43 13.45
CA ILE A 639 -22.58 9.77 14.15
C ILE A 639 -22.37 8.36 13.64
N THR A 640 -23.36 7.78 12.94
CA THR A 640 -23.19 6.46 12.36
C THR A 640 -22.03 6.44 11.38
N TYR A 641 -21.88 7.51 10.61
CA TYR A 641 -20.72 7.67 9.74
C TYR A 641 -19.42 7.48 10.52
N PHE A 642 -19.40 7.95 11.78
CA PHE A 642 -18.21 7.79 12.61
C PHE A 642 -18.18 6.44 13.28
N VAL A 643 -19.34 5.91 13.68
CA VAL A 643 -19.40 4.55 14.21
C VAL A 643 -19.06 3.54 13.13
N SER A 644 -19.62 3.72 11.93
CA SER A 644 -19.29 2.81 10.83
C SER A 644 -17.82 2.88 10.48
N PHE A 645 -17.23 4.07 10.56
CA PHE A 645 -15.80 4.21 10.33
C PHE A 645 -15.01 3.40 11.33
N TYR A 646 -15.17 3.70 12.62
CA TYR A 646 -14.44 3.02 13.69
C TYR A 646 -14.51 1.50 13.52
N VAL A 647 -15.72 0.98 13.36
CA VAL A 647 -15.90 -0.47 13.28
C VAL A 647 -15.17 -1.03 12.06
N ILE A 648 -15.25 -0.35 10.93
CA ILE A 648 -14.73 -0.91 9.69
C ILE A 648 -13.20 -0.82 9.64
N THR A 649 -12.62 0.26 10.17
CA THR A 649 -11.16 0.44 10.04
C THR A 649 -10.41 0.29 11.35
N ILE A 650 -10.95 0.75 12.48
CA ILE A 650 -10.21 0.66 13.74
C ILE A 650 -10.29 -0.76 14.30
N LEU A 651 -11.50 -1.29 14.45
CA LEU A 651 -11.67 -2.63 14.99
C LEU A 651 -11.34 -3.73 14.00
N LEU A 652 -11.20 -3.41 12.71
CA LEU A 652 -10.98 -4.42 11.68
C LEU A 652 -9.65 -4.21 10.97
N LEU A 653 -9.50 -3.13 10.20
CA LEU A 653 -8.32 -2.97 9.36
C LEU A 653 -7.06 -2.72 10.20
N LEU A 654 -7.16 -1.86 11.21
CA LEU A 654 -5.99 -1.57 12.03
C LEU A 654 -5.63 -2.75 12.93
N ASN A 655 -6.62 -3.51 13.39
CA ASN A 655 -6.30 -4.76 14.08
C ASN A 655 -5.62 -5.75 13.14
N LEU A 656 -5.93 -5.69 11.85
CA LEU A 656 -5.33 -6.63 10.90
C LEU A 656 -3.84 -6.34 10.70
N VAL A 657 -3.50 -5.07 10.42
CA VAL A 657 -2.12 -4.72 10.14
C VAL A 657 -1.21 -4.97 11.34
N VAL A 658 -1.79 -5.04 12.54
CA VAL A 658 -1.01 -5.44 13.71
C VAL A 658 -0.60 -6.90 13.60
N ALA A 659 -1.56 -7.78 13.31
CA ALA A 659 -1.26 -9.20 13.20
C ALA A 659 -0.26 -9.47 12.07
N PHE A 660 -0.35 -8.70 10.99
CA PHE A 660 0.60 -8.87 9.89
C PHE A 660 2.02 -8.55 10.35
N VAL A 661 2.18 -7.44 11.08
CA VAL A 661 3.51 -7.03 11.54
C VAL A 661 4.11 -8.09 12.46
N LEU A 662 3.35 -8.51 13.47
CA LEU A 662 3.83 -9.52 14.39
C LEU A 662 4.16 -10.82 13.66
N GLU A 663 3.25 -11.28 12.80
CA GLU A 663 3.50 -12.51 12.04
C GLU A 663 4.71 -12.34 11.12
N ALA A 664 4.87 -11.16 10.53
CA ALA A 664 6.06 -10.90 9.73
C ALA A 664 7.31 -10.89 10.61
N PHE A 665 7.21 -10.31 11.81
CA PHE A 665 8.33 -10.35 12.75
C PHE A 665 8.60 -11.77 13.23
N PHE A 666 7.53 -12.52 13.53
CA PHE A 666 7.70 -13.90 13.96
C PHE A 666 8.27 -14.78 12.85
N THR A 667 7.93 -14.48 11.59
CA THR A 667 8.54 -15.20 10.48
C THR A 667 10.01 -14.84 10.33
N GLU A 668 10.37 -13.59 10.63
CA GLU A 668 11.78 -13.21 10.64
C GLU A 668 12.54 -13.92 11.74
N LEU A 669 11.88 -14.24 12.85
CA LEU A 669 12.54 -14.96 13.94
C LEU A 669 12.88 -16.38 13.55
N ASP A 670 11.89 -17.14 13.07
CA ASP A 670 12.13 -18.51 12.64
C ASP A 670 13.06 -18.58 11.44
N LEU A 671 13.18 -17.49 10.68
CA LEU A 671 14.11 -17.47 9.55
C LEU A 671 15.55 -17.36 10.03
N GLU A 672 15.85 -16.38 10.89
CA GLU A 672 17.18 -16.27 11.46
C GLU A 672 17.53 -17.45 12.35
N GLU A 673 16.52 -18.14 12.89
CA GLU A 673 16.77 -19.36 13.64
C GLU A 673 17.12 -20.52 12.71
N GLU A 674 16.63 -20.49 11.47
CA GLU A 674 16.87 -21.59 10.54
C GLU A 674 18.27 -21.54 9.94
N GLU A 675 18.82 -20.33 9.70
CA GLU A 675 20.14 -20.24 9.10
C GLU A 675 21.19 -20.91 9.97
N LYS A 676 21.03 -20.86 11.28
CA LYS A 676 21.91 -21.58 12.19
C LYS A 676 21.30 -22.94 12.53
CA CA B . -7.44 19.33 11.64
CA CA C . 15.08 30.84 14.84
CA CA D . 14.85 28.24 5.83
CA CA E . 9.22 -38.99 -21.68
CA CA F . -17.28 15.16 -12.86
C01 FJ7 G . -31.58 -1.54 16.64
C02 FJ7 G . -32.09 -2.77 17.02
C03 FJ7 G . -31.37 -3.93 16.72
C04 FJ7 G . -30.16 -3.82 16.04
C05 FJ7 G . -29.66 -2.58 15.67
C06 FJ7 G . -30.38 -1.44 15.97
C09 FJ7 G . -33.89 -1.56 18.27
C10 FJ7 G . -35.00 -1.95 19.24
C12 FJ7 G . -34.58 -4.06 19.43
C13 FJ7 G . -34.13 -4.01 17.97
C14 FJ7 G . -33.51 -2.64 20.64
C15 FJ7 G . -33.72 -2.03 22.03
C16 FJ7 G . -34.03 -0.68 22.16
C17 FJ7 G . -34.20 -0.12 23.41
C18 FJ7 G . -34.06 -0.90 24.54
C19 FJ7 G . -33.75 -2.25 24.43
C20 FJ7 G . -33.57 -2.81 23.17
C21 FJ7 G . -33.61 -3.04 25.72
C22 FJ7 G . -32.54 -4.04 26.16
C23 FJ7 G . -31.65 -3.64 27.06
C24 FJ7 G . -31.74 -2.22 27.60
C25 FJ7 G . -33.21 -1.92 27.93
C27 FJ7 G . -33.74 -2.17 29.34
C30 FJ7 G . -30.69 -4.79 27.37
C31 FJ7 G . -31.07 -5.83 26.62
C33 FJ7 G . -30.36 -7.03 26.70
C34 FJ7 G . -29.27 -7.13 27.54
C35 FJ7 G . -28.89 -6.07 28.30
C36 FJ7 G . -29.60 -4.89 28.22
C38 FJ7 G . -32.97 0.61 20.51
F07 FJ7 G . -31.81 -5.17 17.07
N08 FJ7 G . -33.37 -2.79 17.73
N11 FJ7 G . -34.67 -2.91 20.07
N26 FJ7 G . -34.08 -2.18 26.80
N32 FJ7 G . -32.22 -5.42 25.84
O28 FJ7 G . -34.98 -2.28 29.54
O29 FJ7 G . -32.95 -2.27 30.30
O37 FJ7 G . -34.18 0.14 21.03
#